data_2IX4
#
_entry.id   2IX4
#
_cell.length_a   72.109
_cell.length_b   92.942
_cell.length_c   74.217
_cell.angle_alpha   90.00
_cell.angle_beta   106.59
_cell.angle_gamma   90.00
#
_symmetry.space_group_name_H-M   'P 1 21 1'
#
loop_
_entity.id
_entity.type
_entity.pdbx_description
1 polymer '3-OXOACYL-[ACYL-CARRIER-PROTEIN] SYNTHASE'
2 non-polymer 'HEXANOIC ACID'
3 non-polymer 'POTASSIUM ION'
4 water water
#
_entity_poly.entity_id   1
_entity_poly.type   'polypeptide(L)'
_entity_poly.pdbx_seq_one_letter_code
;RRVVVTGLGMVTPLGRGVETTWRRLIDGECGIRGLTLDDLKMKSFDEETKLYTFDQLSSKVAAFVPYGSNPGEFDEALWL
NSKAVANFIGYAVCAADEALRDAEWLPTEEEEKERTGVSIGGGIGSICDIVEAAQLICEKRLRRLSPFFIPKILVNMASG
HVSMKYGFQGPNHAAVTACATGAHSIGDATRMIQFGDADVMVAGGTESSIDALSVAGFSRSRALSTKFNSSPQEASRPFD
CDRDGFVIGEGSGVIVLEEYEHAKRRGAKIYAELCGYGMSGDAHHITQPPEDGKGAVLAMTRALRQSGLCPNQIDYVNAH
ATSTPIGDAVEARAIKTVFSEHATSGTLAFSSTKGATGHLLGAAGAVEAIFSILAIHHGVAPMTLNVKNPDPIFDKRFMP
LTTSKKMLVRTAMSNSFGFGGTNASLLFASI
;
_entity_poly.pdbx_strand_id   A,B
#
loop_
_chem_comp.id
_chem_comp.type
_chem_comp.name
_chem_comp.formula
6NA non-polymer 'HEXANOIC ACID' 'C6 H12 O2'
K non-polymer 'POTASSIUM ION' 'K 1'
#
# COMPACT_ATOMS: atom_id res chain seq x y z
N ARG A 1 9.09 18.39 15.57
CA ARG A 1 8.13 17.67 16.46
C ARG A 1 8.58 16.25 16.67
N ARG A 2 8.52 15.80 17.93
CA ARG A 2 8.94 14.44 18.29
C ARG A 2 7.73 13.52 18.40
N VAL A 3 7.96 12.23 18.11
CA VAL A 3 6.89 11.24 18.05
C VAL A 3 7.12 10.14 19.09
N VAL A 4 6.13 9.94 19.95
CA VAL A 4 6.22 8.92 20.99
C VAL A 4 5.13 7.86 20.86
N VAL A 5 5.34 6.72 21.53
CA VAL A 5 4.41 5.61 21.51
C VAL A 5 3.64 5.59 22.83
N THR A 6 2.32 5.66 22.76
CA THR A 6 1.48 5.74 23.95
C THR A 6 0.51 4.58 24.11
N GLY A 7 0.44 3.70 23.11
CA GLY A 7 -0.45 2.55 23.16
C GLY A 7 0.07 1.40 22.31
N LEU A 8 -0.07 0.19 22.84
CA LEU A 8 0.34 -1.03 22.13
C LEU A 8 -0.83 -2.01 22.04
N GLY A 9 -0.94 -2.66 20.87
CA GLY A 9 -2.01 -3.64 20.65
C GLY A 9 -1.59 -4.69 19.65
N MET A 10 -1.92 -5.95 19.92
CA MET A 10 -1.56 -7.02 18.99
C MET A 10 -2.41 -8.29 19.15
N VAL A 11 -2.48 -9.04 18.06
CA VAL A 11 -3.05 -10.38 18.06
C VAL A 11 -2.11 -11.26 17.22
N THR A 12 -1.53 -12.27 17.86
CA THR A 12 -0.45 -13.06 17.25
C THR A 12 -0.68 -14.56 17.47
N PRO A 13 0.14 -15.42 16.83
CA PRO A 13 0.11 -16.85 17.13
C PRO A 13 0.50 -17.22 18.57
N LEU A 14 0.99 -16.25 19.34
CA LEU A 14 1.25 -16.43 20.77
C LEU A 14 0.12 -15.90 21.63
N GLY A 15 -0.98 -15.50 20.99
CA GLY A 15 -2.18 -15.07 21.71
C GLY A 15 -2.72 -13.71 21.30
N ARG A 16 -3.94 -13.44 21.73
CA ARG A 16 -4.56 -12.14 21.52
C ARG A 16 -4.20 -11.26 22.72
N GLY A 17 -3.65 -10.09 22.44
CA GLY A 17 -3.26 -9.15 23.49
C GLY A 17 -1.76 -9.08 23.69
N VAL A 18 -1.27 -7.89 24.06
CA VAL A 18 0.15 -7.65 24.31
C VAL A 18 0.67 -8.49 25.47
N GLU A 19 -0.07 -8.49 26.60
CA GLU A 19 0.32 -9.23 27.80
C GLU A 19 0.61 -10.71 27.48
N THR A 20 -0.36 -11.39 26.87
CA THR A 20 -0.24 -12.81 26.55
C THR A 20 0.89 -13.10 25.56
N THR A 21 0.97 -12.30 24.49
CA THR A 21 2.02 -12.49 23.47
C THR A 21 3.42 -12.33 24.06
N TRP A 22 3.65 -11.20 24.74
CA TRP A 22 4.95 -10.91 25.37
C TRP A 22 5.37 -11.93 26.43
N ARG A 23 4.44 -12.37 27.27
N ARG A 23 4.43 -12.35 27.27
CA ARG A 23 4.72 -13.35 28.32
CA ARG A 23 4.68 -13.34 28.32
C ARG A 23 5.19 -14.67 27.71
C ARG A 23 5.17 -14.66 27.72
N ARG A 24 4.44 -15.15 26.73
CA ARG A 24 4.76 -16.41 26.06
C ARG A 24 6.04 -16.33 25.21
N LEU A 25 6.28 -15.17 24.62
CA LEU A 25 7.50 -14.93 23.85
C LEU A 25 8.74 -15.04 24.74
N ILE A 26 8.71 -14.35 25.88
CA ILE A 26 9.82 -14.34 26.82
C ILE A 26 10.04 -15.71 27.46
N ASP A 27 8.95 -16.44 27.70
CA ASP A 27 9.00 -17.80 28.25
C ASP A 27 9.50 -18.83 27.24
N GLY A 28 9.69 -18.40 26.00
CA GLY A 28 10.27 -19.26 24.96
C GLY A 28 9.27 -20.17 24.26
N GLU A 29 8.01 -19.75 24.22
CA GLU A 29 6.96 -20.55 23.59
C GLU A 29 6.91 -20.31 22.08
N CYS A 30 6.18 -21.18 21.38
CA CYS A 30 6.16 -21.19 19.93
C CYS A 30 4.73 -21.43 19.42
N GLY A 31 4.30 -20.63 18.46
CA GLY A 31 2.94 -20.69 17.95
C GLY A 31 2.74 -21.51 16.69
N ILE A 32 3.79 -22.24 16.28
CA ILE A 32 3.75 -23.05 15.05
C ILE A 32 3.13 -24.43 15.30
N ARG A 33 2.25 -24.85 14.39
CA ARG A 33 1.70 -26.20 14.39
C ARG A 33 1.56 -26.73 12.96
N GLY A 34 1.28 -28.02 12.84
CA GLY A 34 1.04 -28.64 11.53
C GLY A 34 -0.28 -28.21 10.90
N LEU A 35 -0.29 -28.14 9.57
CA LEU A 35 -1.50 -27.81 8.82
C LEU A 35 -2.52 -28.94 8.84
N THR A 36 -3.80 -28.56 8.84
CA THR A 36 -4.90 -29.51 8.66
C THR A 36 -5.71 -29.07 7.43
N LEU A 37 -6.73 -29.84 7.07
CA LEU A 37 -7.62 -29.51 5.95
C LEU A 37 -8.38 -28.20 6.17
N ASP A 38 -8.79 -27.96 7.42
CA ASP A 38 -9.52 -26.74 7.79
C ASP A 38 -8.71 -25.47 7.56
N ASP A 39 -7.39 -25.60 7.64
CA ASP A 39 -6.48 -24.46 7.50
C ASP A 39 -6.36 -23.95 6.06
N LEU A 40 -6.86 -24.74 5.11
CA LEU A 40 -6.82 -24.36 3.69
C LEU A 40 -7.78 -23.22 3.35
N LYS A 41 -8.75 -23.01 4.23
CA LYS A 41 -9.84 -22.03 4.05
C LYS A 41 -10.68 -22.34 2.80
N MET A 42 -10.91 -23.63 2.56
CA MET A 42 -11.62 -24.08 1.36
C MET A 42 -13.01 -24.68 1.66
N LYS A 43 -13.78 -24.00 2.52
CA LYS A 43 -15.11 -24.48 2.91
C LYS A 43 -16.08 -24.64 1.72
N SER A 44 -15.85 -23.87 0.65
CA SER A 44 -16.71 -23.90 -0.53
C SER A 44 -16.33 -25.00 -1.54
N PHE A 45 -15.28 -25.76 -1.22
CA PHE A 45 -14.83 -26.87 -2.08
C PHE A 45 -15.21 -28.22 -1.47
N ASP A 46 -15.33 -29.24 -2.31
CA ASP A 46 -15.63 -30.59 -1.81
C ASP A 46 -14.41 -31.23 -1.13
N GLU A 47 -14.64 -32.27 -0.35
CA GLU A 47 -13.57 -32.92 0.41
C GLU A 47 -12.45 -33.49 -0.45
N GLU A 48 -12.80 -34.05 -1.61
CA GLU A 48 -11.81 -34.62 -2.54
C GLU A 48 -10.85 -33.55 -3.05
N THR A 49 -11.37 -32.35 -3.30
CA THR A 49 -10.56 -31.21 -3.74
C THR A 49 -9.68 -30.71 -2.58
N LYS A 50 -10.25 -30.63 -1.38
CA LYS A 50 -9.49 -30.29 -0.17
C LYS A 50 -8.31 -31.25 0.03
N LEU A 51 -8.60 -32.55 0.01
CA LEU A 51 -7.59 -33.59 0.19
C LEU A 51 -6.49 -33.50 -0.85
N TYR A 52 -6.87 -33.39 -2.12
CA TYR A 52 -5.90 -33.22 -3.21
C TYR A 52 -5.03 -31.99 -2.99
N THR A 53 -5.65 -30.87 -2.64
CA THR A 53 -4.94 -29.60 -2.49
C THR A 53 -3.91 -29.66 -1.37
N PHE A 54 -4.32 -30.20 -0.22
CA PHE A 54 -3.42 -30.38 0.92
C PHE A 54 -2.14 -31.13 0.54
N ASP A 55 -2.30 -32.19 -0.23
CA ASP A 55 -1.18 -33.02 -0.69
C ASP A 55 -0.20 -32.28 -1.61
N GLN A 56 -0.65 -31.17 -2.21
CA GLN A 56 0.21 -30.41 -3.12
C GLN A 56 1.10 -29.40 -2.39
N LEU A 57 0.87 -29.26 -1.10
CA LEU A 57 1.60 -28.29 -0.28
C LEU A 57 2.90 -28.86 0.28
N SER A 58 4.02 -28.31 -0.18
CA SER A 58 5.34 -28.69 0.31
C SER A 58 5.50 -28.35 1.78
N SER A 59 5.04 -27.16 2.15
CA SER A 59 5.10 -26.69 3.53
C SER A 59 3.77 -26.98 4.24
N LYS A 60 3.83 -27.76 5.30
CA LYS A 60 2.63 -28.16 6.05
C LYS A 60 2.68 -27.70 7.50
N VAL A 61 3.29 -26.53 7.70
CA VAL A 61 3.38 -25.90 9.03
C VAL A 61 3.01 -24.42 8.91
N ALA A 62 2.41 -23.87 9.98
CA ALA A 62 2.05 -22.47 10.01
C ALA A 62 1.81 -22.00 11.45
N ALA A 63 1.83 -20.68 11.65
CA ALA A 63 1.60 -20.11 12.97
C ALA A 63 0.26 -19.39 13.01
N PHE A 64 -0.65 -19.89 13.84
CA PHE A 64 -2.05 -19.47 13.83
C PHE A 64 -2.43 -18.62 15.03
N VAL A 65 -3.23 -17.59 14.80
CA VAL A 65 -3.90 -16.87 15.88
C VAL A 65 -4.90 -17.81 16.55
N PRO A 66 -4.83 -17.94 17.89
CA PRO A 66 -5.84 -18.74 18.60
C PRO A 66 -7.19 -18.04 18.69
N TYR A 67 -8.23 -18.71 18.18
CA TYR A 67 -9.60 -18.19 18.21
C TYR A 67 -10.33 -18.71 19.43
N GLY A 68 -11.30 -17.94 19.91
CA GLY A 68 -12.11 -18.38 21.05
C GLY A 68 -12.61 -17.22 21.90
N SER A 69 -13.51 -17.53 22.82
CA SER A 69 -14.14 -16.52 23.66
C SER A 69 -13.51 -16.41 25.05
N ASN A 70 -12.37 -17.09 25.23
CA ASN A 70 -11.63 -17.08 26.50
C ASN A 70 -10.47 -16.08 26.48
N PRO A 71 -9.92 -15.73 27.66
CA PRO A 71 -8.76 -14.82 27.70
C PRO A 71 -7.60 -15.27 26.82
N GLY A 72 -6.96 -14.30 26.16
CA GLY A 72 -5.83 -14.58 25.27
C GLY A 72 -6.20 -15.15 23.91
N GLU A 73 -7.50 -15.22 23.64
CA GLU A 73 -8.01 -15.75 22.36
C GLU A 73 -8.72 -14.69 21.52
N PHE A 74 -8.65 -14.83 20.21
CA PHE A 74 -9.32 -13.90 19.28
C PHE A 74 -10.74 -14.35 19.01
N ASP A 75 -11.72 -13.55 19.43
CA ASP A 75 -13.14 -13.88 19.26
C ASP A 75 -13.70 -13.36 17.94
N GLU A 76 -13.86 -14.28 16.98
CA GLU A 76 -14.41 -13.94 15.66
C GLU A 76 -15.83 -13.38 15.71
N ALA A 77 -16.58 -13.73 16.75
CA ALA A 77 -17.94 -13.24 16.95
C ALA A 77 -17.97 -11.75 17.32
N LEU A 78 -16.83 -11.23 17.76
CA LEU A 78 -16.72 -9.84 18.18
C LEU A 78 -16.07 -8.96 17.11
N TRP A 79 -15.12 -9.54 16.37
CA TRP A 79 -14.28 -8.77 15.45
C TRP A 79 -14.54 -9.05 13.97
N LEU A 80 -15.16 -10.19 13.69
CA LEU A 80 -15.51 -10.58 12.33
C LEU A 80 -17.03 -10.74 12.19
N ASN A 81 -17.76 -9.73 12.67
CA ASN A 81 -19.23 -9.79 12.73
C ASN A 81 -19.93 -9.01 11.62
N SER A 82 -19.23 -8.82 10.50
CA SER A 82 -19.77 -8.09 9.36
C SER A 82 -19.38 -8.77 8.05
N LYS A 83 -20.23 -8.61 7.03
CA LYS A 83 -20.00 -9.24 5.73
C LYS A 83 -18.82 -8.65 4.96
N ALA A 84 -18.46 -7.41 5.28
CA ALA A 84 -17.39 -6.69 4.59
C ALA A 84 -16.03 -6.86 5.28
N VAL A 85 -16.00 -7.61 6.38
CA VAL A 85 -14.79 -7.76 7.18
C VAL A 85 -14.09 -9.10 6.90
N ALA A 86 -12.99 -9.03 6.15
CA ALA A 86 -12.09 -10.17 5.99
C ALA A 86 -11.23 -10.29 7.26
N ASN A 87 -10.59 -11.44 7.43
CA ASN A 87 -9.84 -11.73 8.64
C ASN A 87 -8.75 -10.71 8.97
N PHE A 88 -8.01 -10.25 7.96
CA PHE A 88 -6.98 -9.24 8.18
C PHE A 88 -7.54 -7.93 8.74
N ILE A 89 -8.76 -7.59 8.34
CA ILE A 89 -9.43 -6.40 8.86
C ILE A 89 -9.82 -6.57 10.34
N GLY A 90 -10.34 -7.74 10.69
CA GLY A 90 -10.72 -8.04 12.07
C GLY A 90 -9.55 -8.07 13.04
N TYR A 91 -8.41 -8.58 12.59
CA TYR A 91 -7.18 -8.61 13.40
C TYR A 91 -6.74 -7.18 13.74
N ALA A 92 -6.75 -6.31 12.73
CA ALA A 92 -6.31 -4.93 12.87
C ALA A 92 -7.23 -4.16 13.80
N VAL A 93 -8.54 -4.35 13.66
CA VAL A 93 -9.52 -3.69 14.51
C VAL A 93 -9.35 -4.14 15.96
N CYS A 94 -9.18 -5.45 16.15
CA CYS A 94 -8.92 -6.03 17.47
C CYS A 94 -7.68 -5.40 18.13
N ALA A 95 -6.59 -5.38 17.38
CA ALA A 95 -5.32 -4.81 17.85
C ALA A 95 -5.41 -3.30 18.08
N ALA A 96 -6.10 -2.60 17.17
CA ALA A 96 -6.26 -1.15 17.28
C ALA A 96 -7.07 -0.77 18.52
N ASP A 97 -8.10 -1.57 18.82
CA ASP A 97 -8.93 -1.35 20.00
C ASP A 97 -8.14 -1.49 21.29
N GLU A 98 -7.25 -2.48 21.35
CA GLU A 98 -6.37 -2.67 22.50
C GLU A 98 -5.40 -1.51 22.64
N ALA A 99 -4.75 -1.14 21.54
CA ALA A 99 -3.79 -0.03 21.51
C ALA A 99 -4.41 1.30 21.97
N LEU A 100 -5.60 1.61 21.44
CA LEU A 100 -6.29 2.86 21.78
C LEU A 100 -6.75 2.93 23.23
N ARG A 101 -7.20 1.79 23.76
CA ARG A 101 -7.61 1.72 25.17
C ARG A 101 -6.39 1.80 26.09
N ASP A 102 -5.29 1.18 25.65
CA ASP A 102 -3.99 1.29 26.32
C ASP A 102 -3.53 2.75 26.38
N ALA A 103 -3.66 3.45 25.26
CA ALA A 103 -3.32 4.87 25.15
C ALA A 103 -4.35 5.80 25.78
N GLU A 104 -5.49 5.23 26.18
CA GLU A 104 -6.64 5.99 26.69
C GLU A 104 -7.04 7.09 25.69
N TRP A 105 -7.03 6.72 24.41
CA TRP A 105 -7.37 7.65 23.33
C TRP A 105 -8.63 7.22 22.60
N LEU A 106 -9.78 7.62 23.15
CA LEU A 106 -11.05 7.41 22.50
C LEU A 106 -11.80 8.76 22.49
N PRO A 107 -11.29 9.72 21.70
CA PRO A 107 -11.83 11.09 21.78
C PRO A 107 -13.29 11.17 21.34
N THR A 108 -14.04 12.04 21.99
CA THR A 108 -15.43 12.31 21.62
C THR A 108 -15.53 13.63 20.85
N GLU A 109 -14.57 14.51 21.06
CA GLU A 109 -14.57 15.83 20.45
C GLU A 109 -14.09 15.76 19.01
N GLU A 110 -14.79 16.48 18.11
CA GLU A 110 -14.47 16.47 16.69
C GLU A 110 -13.07 17.01 16.41
N GLU A 111 -12.65 17.99 17.20
CA GLU A 111 -11.32 18.58 17.07
C GLU A 111 -10.19 17.55 17.19
N GLU A 112 -10.29 16.69 18.20
N GLU A 112 -10.27 16.68 18.20
CA GLU A 112 -9.30 15.63 18.46
CA GLU A 112 -9.25 15.65 18.40
C GLU A 112 -9.42 14.51 17.44
C GLU A 112 -9.41 14.47 17.44
N LYS A 113 -10.66 14.15 17.10
CA LYS A 113 -10.96 13.11 16.10
C LYS A 113 -10.38 13.46 14.73
N GLU A 114 -10.51 14.73 14.36
CA GLU A 114 -9.97 15.25 13.10
C GLU A 114 -8.44 15.28 13.08
N ARG A 115 -7.83 15.32 14.26
CA ARG A 115 -6.37 15.31 14.38
C ARG A 115 -5.79 13.91 14.58
N THR A 116 -6.65 12.89 14.53
CA THR A 116 -6.24 11.49 14.65
C THR A 116 -6.41 10.77 13.33
N GLY A 117 -5.33 10.17 12.83
CA GLY A 117 -5.38 9.38 11.61
C GLY A 117 -5.09 7.91 11.81
N VAL A 118 -5.12 7.15 10.72
CA VAL A 118 -4.88 5.71 10.75
C VAL A 118 -4.00 5.31 9.58
N SER A 119 -2.98 4.49 9.86
CA SER A 119 -2.09 3.94 8.84
C SER A 119 -1.78 2.47 9.15
N ILE A 120 -2.69 1.58 8.77
CA ILE A 120 -2.54 0.14 8.99
C ILE A 120 -2.62 -0.56 7.65
N GLY A 121 -1.50 -1.10 7.19
CA GLY A 121 -1.45 -1.77 5.91
C GLY A 121 -1.54 -3.27 6.01
N GLY A 122 -1.98 -3.90 4.93
CA GLY A 122 -1.91 -5.34 4.76
C GLY A 122 -1.06 -5.64 3.53
N GLY A 123 -0.38 -6.78 3.53
CA GLY A 123 0.52 -7.11 2.44
C GLY A 123 -0.16 -7.67 1.20
N ILE A 124 -1.07 -8.61 1.40
CA ILE A 124 -1.74 -9.30 0.28
C ILE A 124 -3.26 -9.18 0.31
N GLY A 125 -3.84 -9.07 1.51
CA GLY A 125 -5.29 -8.92 1.65
C GLY A 125 -5.98 -10.23 1.95
N SER A 126 -6.88 -10.64 1.05
CA SER A 126 -7.67 -11.85 1.27
C SER A 126 -7.72 -12.73 0.03
N ILE A 127 -6.67 -13.54 -0.15
CA ILE A 127 -6.58 -14.48 -1.27
C ILE A 127 -7.71 -15.51 -1.26
N CYS A 128 -8.09 -15.97 -0.06
CA CYS A 128 -9.13 -17.00 0.06
C CYS A 128 -10.49 -16.51 -0.45
N ASP A 129 -10.77 -15.21 -0.27
CA ASP A 129 -11.98 -14.60 -0.81
C ASP A 129 -11.97 -14.51 -2.32
N ILE A 130 -10.79 -14.23 -2.89
CA ILE A 130 -10.63 -14.19 -4.34
C ILE A 130 -10.73 -15.59 -4.95
N VAL A 131 -10.24 -16.59 -4.21
CA VAL A 131 -10.34 -18.00 -4.63
C VAL A 131 -11.80 -18.46 -4.69
N GLU A 132 -12.58 -18.10 -3.66
CA GLU A 132 -14.02 -18.42 -3.62
C GLU A 132 -14.76 -17.80 -4.79
N ALA A 133 -14.43 -16.55 -5.11
CA ALA A 133 -15.03 -15.83 -6.23
C ALA A 133 -14.65 -16.44 -7.58
N ALA A 134 -13.38 -16.82 -7.71
CA ALA A 134 -12.88 -17.45 -8.94
C ALA A 134 -13.52 -18.81 -9.18
N GLN A 135 -13.86 -19.50 -8.10
CA GLN A 135 -14.59 -20.78 -8.16
C GLN A 135 -15.97 -20.59 -8.80
N LEU A 136 -16.59 -19.44 -8.54
CA LEU A 136 -17.88 -19.10 -9.16
C LEU A 136 -17.78 -18.98 -10.67
N ILE A 137 -16.65 -18.47 -11.16
CA ILE A 137 -16.38 -18.43 -12.60
C ILE A 137 -16.24 -19.84 -13.17
N CYS A 138 -15.42 -20.67 -12.52
CA CYS A 138 -15.15 -22.04 -12.97
C CYS A 138 -16.41 -22.91 -13.00
N GLU A 139 -17.27 -22.70 -12.00
CA GLU A 139 -18.47 -23.53 -11.82
C GLU A 139 -19.73 -22.90 -12.40
N LYS A 140 -19.57 -21.72 -13.01
CA LYS A 140 -20.65 -20.93 -13.59
C LYS A 140 -21.75 -20.60 -12.58
N ARG A 141 -21.35 -20.03 -11.45
CA ARG A 141 -22.27 -19.66 -10.37
C ARG A 141 -22.06 -18.22 -9.93
N LEU A 142 -21.90 -17.31 -10.90
CA LEU A 142 -21.55 -15.92 -10.61
C LEU A 142 -22.66 -15.11 -9.94
N ARG A 143 -23.90 -15.57 -10.03
CA ARG A 143 -25.04 -14.95 -9.36
C ARG A 143 -24.81 -14.85 -7.85
N ARG A 144 -24.06 -15.79 -7.30
CA ARG A 144 -23.77 -15.85 -5.86
C ARG A 144 -22.76 -14.79 -5.40
N LEU A 145 -22.05 -14.17 -6.35
CA LEU A 145 -21.00 -13.19 -6.03
C LEU A 145 -21.52 -12.08 -5.11
N SER A 146 -20.75 -11.81 -4.05
CA SER A 146 -21.14 -10.85 -3.03
C SER A 146 -20.90 -9.41 -3.46
N PRO A 147 -21.83 -8.49 -3.11
CA PRO A 147 -21.60 -7.05 -3.34
C PRO A 147 -20.45 -6.52 -2.49
N PHE A 148 -20.08 -7.28 -1.45
CA PHE A 148 -18.99 -6.92 -0.54
C PHE A 148 -17.64 -7.50 -0.95
N PHE A 149 -17.58 -8.15 -2.12
CA PHE A 149 -16.36 -8.80 -2.57
C PHE A 149 -15.19 -7.81 -2.70
N ILE A 150 -15.39 -6.74 -3.45
CA ILE A 150 -14.33 -5.73 -3.67
C ILE A 150 -13.87 -5.07 -2.35
N PRO A 151 -14.82 -4.54 -1.53
CA PRO A 151 -14.43 -3.92 -0.26
C PRO A 151 -13.61 -4.82 0.68
N LYS A 152 -13.86 -6.12 0.67
CA LYS A 152 -13.16 -7.02 1.61
C LYS A 152 -11.80 -7.56 1.14
N ILE A 153 -11.42 -7.28 -0.11
CA ILE A 153 -10.12 -7.73 -0.63
C ILE A 153 -9.08 -6.61 -0.76
N LEU A 154 -9.51 -5.36 -0.58
CA LEU A 154 -8.61 -4.21 -0.72
C LEU A 154 -7.70 -4.01 0.50
N VAL A 155 -6.40 -3.97 0.25
CA VAL A 155 -5.37 -3.98 1.32
C VAL A 155 -5.32 -2.73 2.18
N ASN A 156 -6.08 -1.69 1.82
CA ASN A 156 -6.14 -0.46 2.59
C ASN A 156 -7.31 -0.43 3.58
N MET A 157 -8.17 -1.45 3.52
CA MET A 157 -9.45 -1.41 4.21
C MET A 157 -9.39 -1.52 5.74
N ALA A 158 -8.29 -2.02 6.27
CA ALA A 158 -8.10 -2.06 7.73
C ALA A 158 -8.11 -0.65 8.31
N SER A 159 -7.40 0.27 7.67
CA SER A 159 -7.42 1.70 8.01
C SER A 159 -8.82 2.29 7.92
N GLY A 160 -9.55 1.92 6.87
CA GLY A 160 -10.93 2.39 6.67
C GLY A 160 -11.85 1.98 7.80
N HIS A 161 -11.79 0.71 8.20
CA HIS A 161 -12.65 0.18 9.26
C HIS A 161 -12.29 0.73 10.64
N VAL A 162 -11.01 0.92 10.90
CA VAL A 162 -10.54 1.52 12.16
C VAL A 162 -11.00 2.98 12.27
N SER A 163 -10.74 3.77 11.23
CA SER A 163 -11.15 5.18 11.21
C SER A 163 -12.66 5.34 11.40
N MET A 164 -13.42 4.51 10.70
CA MET A 164 -14.89 4.50 10.82
C MET A 164 -15.37 4.20 12.24
N LYS A 165 -14.76 3.21 12.88
CA LYS A 165 -15.19 2.76 14.21
C LYS A 165 -15.05 3.87 15.25
N TYR A 166 -13.99 4.64 15.16
CA TYR A 166 -13.65 5.64 16.18
C TYR A 166 -13.88 7.09 15.73
N GLY A 167 -14.25 7.27 14.46
CA GLY A 167 -14.51 8.60 13.92
C GLY A 167 -13.24 9.38 13.64
N PHE A 168 -12.17 8.66 13.31
CA PHE A 168 -10.87 9.28 13.09
C PHE A 168 -10.78 9.88 11.68
N GLN A 169 -10.62 11.19 11.62
CA GLN A 169 -10.71 11.93 10.36
C GLN A 169 -9.40 12.59 9.93
N GLY A 170 -8.30 12.20 10.58
CA GLY A 170 -6.97 12.57 10.13
C GLY A 170 -6.59 11.73 8.92
N PRO A 171 -5.31 11.77 8.52
CA PRO A 171 -4.87 10.97 7.37
C PRO A 171 -5.33 9.51 7.45
N ASN A 172 -5.99 9.05 6.40
CA ASN A 172 -6.44 7.66 6.24
C ASN A 172 -5.53 7.04 5.19
N HIS A 173 -4.62 6.19 5.65
CA HIS A 173 -3.43 5.82 4.88
C HIS A 173 -3.10 4.32 5.01
N ALA A 174 -2.32 3.82 4.06
CA ALA A 174 -1.72 2.50 4.18
C ALA A 174 -0.49 2.47 3.31
N ALA A 175 0.61 2.03 3.88
CA ALA A 175 1.80 1.71 3.11
C ALA A 175 1.79 0.20 2.90
N VAL A 176 2.03 -0.23 1.68
CA VAL A 176 2.08 -1.66 1.38
C VAL A 176 3.38 -1.98 0.67
N THR A 177 4.24 -2.71 1.36
CA THR A 177 5.62 -2.95 0.91
C THR A 177 6.02 -4.38 1.22
N ALA A 178 5.11 -5.32 0.91
CA ALA A 178 5.31 -6.74 1.19
C ALA A 178 5.57 -7.02 2.67
N CYS A 179 6.69 -7.66 2.99
CA CYS A 179 6.98 -8.03 4.37
C CYS A 179 7.55 -6.88 5.22
N ALA A 180 7.69 -5.70 4.62
CA ALA A 180 8.04 -4.48 5.36
C ALA A 180 6.82 -3.59 5.62
N THR A 181 5.64 -4.07 5.21
CA THR A 181 4.39 -3.32 5.24
C THR A 181 4.12 -2.65 6.59
N GLY A 182 4.21 -3.43 7.66
CA GLY A 182 3.95 -2.93 9.02
C GLY A 182 4.96 -1.88 9.47
N ALA A 183 6.18 -1.96 8.95
CA ALA A 183 7.23 -1.02 9.31
C ALA A 183 7.04 0.32 8.61
N HIS A 184 6.85 0.29 7.29
CA HIS A 184 6.59 1.49 6.50
C HIS A 184 5.31 2.19 6.93
N SER A 185 4.28 1.44 7.30
CA SER A 185 3.02 2.03 7.75
C SER A 185 3.23 2.87 9.02
N ILE A 186 4.00 2.32 9.96
CA ILE A 186 4.37 3.01 11.18
C ILE A 186 5.27 4.22 10.87
N GLY A 187 6.25 4.00 10.00
CA GLY A 187 7.18 5.05 9.61
C GLY A 187 6.54 6.22 8.90
N ASP A 188 5.66 5.92 7.95
CA ASP A 188 4.92 6.96 7.22
C ASP A 188 4.05 7.79 8.16
N ALA A 189 3.41 7.11 9.12
CA ALA A 189 2.57 7.77 10.13
C ALA A 189 3.38 8.71 11.02
N THR A 190 4.61 8.30 11.34
CA THR A 190 5.56 9.12 12.06
C THR A 190 5.88 10.41 11.29
N ARG A 191 6.23 10.28 10.01
CA ARG A 191 6.49 11.42 9.13
C ARG A 191 5.32 12.41 9.10
N MET A 192 4.09 11.88 9.11
CA MET A 192 2.88 12.69 9.12
C MET A 192 2.73 13.51 10.40
N ILE A 193 2.99 12.90 11.55
CA ILE A 193 2.96 13.61 12.83
C ILE A 193 4.07 14.66 12.88
N GLN A 194 5.25 14.29 12.40
CA GLN A 194 6.40 15.20 12.34
C GLN A 194 6.09 16.44 11.52
N PHE A 195 5.51 16.25 10.33
CA PHE A 195 5.16 17.36 9.44
C PHE A 195 3.98 18.18 9.94
N GLY A 196 3.09 17.56 10.72
CA GLY A 196 1.92 18.26 11.27
C GLY A 196 0.59 17.86 10.66
N ASP A 197 0.60 16.79 9.85
CA ASP A 197 -0.62 16.26 9.23
C ASP A 197 -1.60 15.70 10.26
N ALA A 198 -1.05 15.24 11.39
CA ALA A 198 -1.82 14.67 12.48
C ALA A 198 -1.09 14.85 13.81
N ASP A 199 -1.82 14.73 14.91
CA ASP A 199 -1.24 14.72 16.24
C ASP A 199 -1.17 13.32 16.82
N VAL A 200 -2.06 12.44 16.34
CA VAL A 200 -2.13 11.04 16.77
C VAL A 200 -2.32 10.16 15.54
N MET A 201 -1.55 9.07 15.45
CA MET A 201 -1.73 8.10 14.39
C MET A 201 -1.82 6.69 14.96
N VAL A 202 -2.86 5.96 14.53
CA VAL A 202 -3.03 4.56 14.84
C VAL A 202 -2.41 3.78 13.67
N ALA A 203 -1.26 3.18 13.90
CA ALA A 203 -0.45 2.63 12.81
C ALA A 203 0.06 1.21 13.06
N GLY A 204 0.25 0.45 11.98
CA GLY A 204 0.77 -0.89 12.08
C GLY A 204 0.56 -1.75 10.85
N GLY A 205 0.37 -3.04 11.09
CA GLY A 205 0.26 -4.01 10.00
C GLY A 205 -0.66 -5.15 10.36
N THR A 206 -1.22 -5.79 9.34
CA THR A 206 -2.09 -6.93 9.55
C THR A 206 -1.96 -7.91 8.38
N GLU A 207 -2.18 -9.19 8.68
CA GLU A 207 -2.14 -10.23 7.66
C GLU A 207 -2.87 -11.47 8.12
N SER A 208 -3.66 -12.03 7.22
CA SER A 208 -4.29 -13.31 7.43
C SER A 208 -4.26 -14.05 6.11
N SER A 209 -3.11 -14.63 5.83
CA SER A 209 -2.86 -15.23 4.53
C SER A 209 -2.47 -16.70 4.63
N ILE A 210 -3.03 -17.41 5.62
CA ILE A 210 -2.85 -18.86 5.70
C ILE A 210 -4.03 -19.56 5.02
N ASP A 211 -3.80 -19.96 3.78
CA ASP A 211 -4.81 -20.61 2.96
C ASP A 211 -4.13 -21.35 1.82
N ALA A 212 -4.90 -22.18 1.12
CA ALA A 212 -4.37 -23.07 0.08
C ALA A 212 -3.44 -22.39 -0.92
N LEU A 213 -3.91 -21.32 -1.55
CA LEU A 213 -3.17 -20.68 -2.62
C LEU A 213 -1.95 -19.89 -2.12
N SER A 214 -2.08 -19.29 -0.94
CA SER A 214 -0.97 -18.58 -0.32
C SER A 214 0.19 -19.52 0.02
N VAL A 215 -0.14 -20.64 0.67
CA VAL A 215 0.85 -21.66 1.00
C VAL A 215 1.47 -22.24 -0.27
N ALA A 216 0.63 -22.62 -1.23
CA ALA A 216 1.11 -23.16 -2.52
C ALA A 216 1.96 -22.16 -3.30
N GLY A 217 1.57 -20.88 -3.23
CA GLY A 217 2.29 -19.81 -3.91
C GLY A 217 3.68 -19.60 -3.34
N PHE A 218 3.77 -19.44 -2.02
CA PHE A 218 5.07 -19.30 -1.35
C PHE A 218 5.94 -20.56 -1.42
N SER A 219 5.30 -21.73 -1.47
CA SER A 219 6.03 -22.99 -1.68
C SER A 219 6.65 -23.07 -3.06
N ARG A 220 5.99 -22.48 -4.06
CA ARG A 220 6.48 -22.50 -5.43
C ARG A 220 7.62 -21.51 -5.63
N SER A 221 7.61 -20.44 -4.83
CA SER A 221 8.73 -19.49 -4.77
C SER A 221 9.92 -20.07 -4.02
N ARG A 222 9.72 -21.26 -3.44
CA ARG A 222 10.74 -21.94 -2.63
C ARG A 222 11.14 -21.10 -1.41
N ALA A 223 10.14 -20.47 -0.81
CA ALA A 223 10.37 -19.57 0.31
C ALA A 223 10.05 -20.19 1.66
N LEU A 224 9.32 -21.30 1.65
CA LEU A 224 8.80 -21.92 2.88
C LEU A 224 9.59 -23.13 3.37
N SER A 225 9.57 -23.32 4.69
CA SER A 225 10.13 -24.50 5.35
C SER A 225 9.32 -25.76 4.96
N THR A 226 10.03 -26.84 4.62
CA THR A 226 9.37 -28.08 4.18
C THR A 226 9.81 -29.35 4.92
N LYS A 227 11.04 -29.37 5.42
CA LYS A 227 11.62 -30.61 5.98
C LYS A 227 11.32 -30.84 7.47
N PHE A 228 10.60 -29.92 8.11
CA PHE A 228 10.24 -30.05 9.51
C PHE A 228 8.74 -30.22 9.72
N ASN A 229 8.05 -30.79 8.73
CA ASN A 229 6.59 -30.97 8.81
C ASN A 229 6.13 -31.89 9.93
N SER A 230 6.98 -32.85 10.29
CA SER A 230 6.71 -33.78 11.40
C SER A 230 7.11 -33.20 12.76
N SER A 231 7.88 -32.11 12.74
CA SER A 231 8.33 -31.43 13.95
C SER A 231 8.10 -29.93 13.85
N PRO A 232 6.81 -29.49 13.84
CA PRO A 232 6.47 -28.08 13.61
C PRO A 232 7.16 -27.08 14.54
N GLN A 233 7.29 -27.42 15.82
CA GLN A 233 7.89 -26.53 16.81
C GLN A 233 9.38 -26.22 16.52
N GLU A 234 9.96 -26.97 15.60
CA GLU A 234 11.36 -26.80 15.22
C GLU A 234 11.54 -26.30 13.79
N ALA A 235 10.43 -25.91 13.15
CA ALA A 235 10.43 -25.52 11.73
C ALA A 235 11.02 -24.15 11.45
N SER A 236 10.80 -23.21 12.37
CA SER A 236 11.30 -21.84 12.24
C SER A 236 12.52 -21.68 13.14
N ARG A 237 13.68 -21.50 12.50
CA ARG A 237 14.95 -21.49 13.22
C ARG A 237 15.90 -20.43 12.66
N PRO A 238 15.61 -19.14 12.93
CA PRO A 238 16.45 -18.07 12.41
C PRO A 238 17.91 -18.22 12.85
N PHE A 239 18.84 -18.02 11.91
CA PHE A 239 20.29 -18.09 12.14
C PHE A 239 20.87 -19.50 12.37
N ASP A 240 20.02 -20.53 12.35
CA ASP A 240 20.45 -21.92 12.53
C ASP A 240 20.93 -22.53 11.21
N CYS A 241 21.92 -23.42 11.29
CA CYS A 241 22.49 -24.07 10.10
C CYS A 241 21.48 -24.91 9.31
N ASP A 242 20.44 -25.39 9.99
CA ASP A 242 19.46 -26.26 9.37
C ASP A 242 18.16 -25.58 8.92
N ARG A 243 18.14 -24.25 8.92
CA ARG A 243 17.00 -23.49 8.41
C ARG A 243 16.74 -23.79 6.93
N ASP A 244 15.48 -23.85 6.54
CA ASP A 244 15.12 -24.21 5.15
C ASP A 244 13.94 -23.41 4.56
N GLY A 245 13.73 -22.20 5.08
CA GLY A 245 12.67 -21.32 4.61
C GLY A 245 11.80 -20.88 5.77
N PHE A 246 11.00 -19.83 5.57
CA PHE A 246 10.16 -19.34 6.66
C PHE A 246 8.85 -20.11 6.83
N VAL A 247 8.18 -19.87 7.96
CA VAL A 247 6.90 -20.47 8.26
C VAL A 247 5.90 -19.33 8.27
N ILE A 248 4.87 -19.43 7.43
CA ILE A 248 3.85 -18.39 7.31
C ILE A 248 3.11 -18.26 8.64
N GLY A 249 2.96 -17.03 9.11
CA GLY A 249 2.17 -16.75 10.31
C GLY A 249 1.09 -15.73 9.98
N GLU A 250 0.27 -15.40 10.98
CA GLU A 250 -0.80 -14.43 10.78
C GLU A 250 -1.00 -13.58 12.04
N GLY A 251 -1.59 -12.41 11.87
CA GLY A 251 -1.96 -11.57 13.01
C GLY A 251 -1.86 -10.09 12.69
N SER A 252 -1.78 -9.29 13.74
CA SER A 252 -1.70 -7.84 13.59
C SER A 252 -0.95 -7.21 14.74
N GLY A 253 -0.23 -6.13 14.43
CA GLY A 253 0.38 -5.28 15.43
C GLY A 253 -0.03 -3.85 15.15
N VAL A 254 -0.53 -3.18 16.17
CA VAL A 254 -0.96 -1.79 16.04
C VAL A 254 -0.44 -0.98 17.23
N ILE A 255 0.14 0.18 16.93
CA ILE A 255 0.57 1.11 17.97
C ILE A 255 -0.12 2.46 17.83
N VAL A 256 -0.20 3.19 18.94
CA VAL A 256 -0.64 4.57 18.92
C VAL A 256 0.61 5.45 18.98
N LEU A 257 0.84 6.17 17.88
CA LEU A 257 1.90 7.17 17.82
C LEU A 257 1.27 8.54 18.08
N GLU A 258 1.97 9.39 18.81
CA GLU A 258 1.52 10.76 18.97
C GLU A 258 2.64 11.75 19.26
N GLU A 259 2.40 13.00 18.88
CA GLU A 259 3.34 14.08 19.10
C GLU A 259 3.61 14.25 20.60
N TYR A 260 4.88 14.44 20.94
CA TYR A 260 5.37 14.42 22.31
C TYR A 260 4.67 15.42 23.24
N GLU A 261 4.54 16.66 22.79
CA GLU A 261 3.88 17.71 23.60
C GLU A 261 2.40 17.40 23.83
N HIS A 262 1.75 16.86 22.79
CA HIS A 262 0.35 16.42 22.87
C HIS A 262 0.19 15.34 23.94
N ALA A 263 1.09 14.37 23.95
CA ALA A 263 1.09 13.28 24.93
C ALA A 263 1.31 13.76 26.37
N LYS A 264 2.26 14.69 26.54
CA LYS A 264 2.58 15.22 27.86
C LYS A 264 1.44 16.05 28.45
N ARG A 265 0.78 16.82 27.58
CA ARG A 265 -0.35 17.67 27.98
C ARG A 265 -1.49 16.88 28.64
N ARG A 266 -1.84 15.74 28.05
CA ARG A 266 -2.96 14.93 28.54
C ARG A 266 -2.55 13.89 29.60
N GLY A 267 -1.26 13.89 29.95
CA GLY A 267 -0.74 12.99 30.98
C GLY A 267 -0.71 11.53 30.58
N ALA A 268 -0.41 11.28 29.31
CA ALA A 268 -0.36 9.92 28.79
C ALA A 268 0.97 9.26 29.16
N LYS A 269 0.92 7.96 29.43
CA LYS A 269 2.16 7.23 29.67
C LYS A 269 2.84 6.96 28.34
N ILE A 270 4.17 7.10 28.34
CA ILE A 270 4.94 7.00 27.12
C ILE A 270 5.88 5.80 27.20
N TYR A 271 5.78 4.92 26.21
CA TYR A 271 6.63 3.74 26.15
C TYR A 271 8.04 4.10 25.70
N ALA A 272 8.14 4.84 24.59
CA ALA A 272 9.40 5.16 23.93
C ALA A 272 9.18 6.24 22.89
N GLU A 273 10.29 6.76 22.35
CA GLU A 273 10.25 7.68 21.22
C GLU A 273 10.67 6.92 19.96
N LEU A 274 10.03 7.21 18.84
CA LEU A 274 10.48 6.71 17.55
C LEU A 274 11.45 7.73 16.96
N CYS A 275 12.72 7.34 16.87
CA CYS A 275 13.81 8.26 16.55
C CYS A 275 14.38 8.09 15.14
N GLY A 276 14.12 6.94 14.53
CA GLY A 276 14.68 6.64 13.22
C GLY A 276 13.76 5.80 12.36
N TYR A 277 13.66 6.20 11.10
CA TYR A 277 12.90 5.47 10.09
C TYR A 277 13.75 5.41 8.82
N GLY A 278 14.62 4.41 8.76
CA GLY A 278 15.53 4.26 7.63
C GLY A 278 14.90 3.44 6.53
N MET A 279 15.01 3.92 5.30
CA MET A 279 14.43 3.25 4.13
C MET A 279 15.48 3.08 3.04
N SER A 280 15.42 1.94 2.36
CA SER A 280 16.28 1.71 1.21
C SER A 280 15.65 0.71 0.25
N GLY A 281 16.32 0.53 -0.89
CA GLY A 281 15.99 -0.51 -1.85
C GLY A 281 17.24 -1.28 -2.22
N ASP A 282 17.10 -2.59 -2.37
CA ASP A 282 18.20 -3.45 -2.79
C ASP A 282 18.61 -3.19 -4.23
N ALA A 283 17.61 -2.93 -5.08
CA ALA A 283 17.80 -2.77 -6.53
C ALA A 283 18.55 -3.97 -7.13
N HIS A 284 18.17 -5.17 -6.70
CA HIS A 284 18.92 -6.38 -7.03
C HIS A 284 18.08 -7.48 -7.66
N HIS A 285 17.03 -7.92 -6.96
CA HIS A 285 16.26 -9.09 -7.35
C HIS A 285 14.87 -9.02 -6.74
N ILE A 286 13.89 -9.61 -7.41
CA ILE A 286 12.49 -9.57 -6.96
C ILE A 286 12.25 -10.20 -5.59
N THR A 287 13.04 -11.22 -5.26
CA THR A 287 12.85 -12.01 -4.04
C THR A 287 14.11 -12.17 -3.18
N GLN A 288 15.27 -12.12 -3.82
CA GLN A 288 16.56 -12.35 -3.14
C GLN A 288 17.30 -11.05 -2.81
N PRO A 289 17.80 -10.93 -1.56
CA PRO A 289 18.68 -9.82 -1.20
C PRO A 289 20.09 -9.99 -1.80
N PRO A 290 20.87 -8.89 -1.91
CA PRO A 290 22.23 -9.01 -2.44
C PRO A 290 23.15 -9.68 -1.43
N GLU A 291 24.21 -10.33 -1.92
CA GLU A 291 25.16 -11.05 -1.07
C GLU A 291 25.71 -10.19 0.07
N ASP A 292 26.04 -8.93 -0.24
CA ASP A 292 26.65 -8.01 0.73
C ASP A 292 25.66 -7.34 1.68
N GLY A 293 24.36 -7.48 1.41
CA GLY A 293 23.32 -6.87 2.23
C GLY A 293 23.36 -5.35 2.27
N LYS A 294 23.79 -4.73 1.17
CA LYS A 294 23.91 -3.28 1.09
C LYS A 294 22.62 -2.57 1.45
N GLY A 295 21.49 -3.08 0.94
CA GLY A 295 20.18 -2.52 1.22
C GLY A 295 19.89 -2.46 2.70
N ALA A 296 20.13 -3.58 3.38
CA ALA A 296 19.95 -3.66 4.83
C ALA A 296 20.91 -2.72 5.56
N VAL A 297 22.15 -2.62 5.08
CA VAL A 297 23.13 -1.67 5.63
C VAL A 297 22.62 -0.23 5.53
N LEU A 298 22.14 0.15 4.33
CA LEU A 298 21.62 1.48 4.09
C LEU A 298 20.44 1.81 5.01
N ALA A 299 19.50 0.89 5.14
CA ALA A 299 18.31 1.09 5.97
C ALA A 299 18.66 1.32 7.43
N MET A 300 19.59 0.51 7.95
CA MET A 300 20.05 0.63 9.34
C MET A 300 20.86 1.91 9.56
N THR A 301 21.75 2.22 8.63
CA THR A 301 22.56 3.43 8.68
C THR A 301 21.71 4.70 8.67
N ARG A 302 20.66 4.69 7.84
CA ARG A 302 19.76 5.84 7.71
C ARG A 302 18.94 6.09 8.96
N ALA A 303 18.47 5.01 9.60
CA ALA A 303 17.74 5.11 10.86
C ALA A 303 18.64 5.68 11.98
N LEU A 304 19.88 5.20 12.03
CA LEU A 304 20.90 5.70 12.96
C LEU A 304 21.17 7.19 12.77
N ARG A 305 21.44 7.58 11.52
CA ARG A 305 21.74 8.96 11.15
C ARG A 305 20.63 9.92 11.58
N GLN A 306 19.39 9.52 11.39
CA GLN A 306 18.22 10.32 11.78
C GLN A 306 18.12 10.53 13.30
N SER A 307 18.50 9.52 14.06
CA SER A 307 18.41 9.56 15.52
C SER A 307 19.58 10.33 16.13
N GLY A 308 20.65 10.52 15.35
CA GLY A 308 21.86 11.17 15.81
C GLY A 308 22.69 10.28 16.73
N LEU A 309 22.46 8.97 16.63
CA LEU A 309 23.15 7.99 17.47
C LEU A 309 24.22 7.23 16.69
N CYS A 310 25.27 6.84 17.41
CA CYS A 310 26.33 6.00 16.87
C CYS A 310 25.94 4.53 16.98
N PRO A 311 26.52 3.66 16.12
CA PRO A 311 26.25 2.23 16.18
C PRO A 311 26.42 1.65 17.60
N ASN A 312 27.47 2.08 18.30
CA ASN A 312 27.76 1.57 19.65
C ASN A 312 26.73 1.95 20.72
N GLN A 313 25.81 2.85 20.36
CA GLN A 313 24.75 3.29 21.28
C GLN A 313 23.46 2.48 21.12
N ILE A 314 23.50 1.43 20.30
CA ILE A 314 22.34 0.58 20.07
C ILE A 314 22.42 -0.67 20.95
N ASP A 315 21.43 -0.83 21.82
CA ASP A 315 21.42 -1.91 22.80
C ASP A 315 20.88 -3.22 22.24
N TYR A 316 19.79 -3.13 21.48
CA TYR A 316 19.10 -4.33 20.96
C TYR A 316 18.66 -4.18 19.50
N VAL A 317 18.91 -5.22 18.72
CA VAL A 317 18.42 -5.29 17.34
C VAL A 317 17.49 -6.49 17.19
N ASN A 318 16.24 -6.23 16.85
CA ASN A 318 15.32 -7.29 16.46
C ASN A 318 15.47 -7.51 14.96
N ALA A 319 16.18 -8.57 14.58
CA ALA A 319 16.50 -8.87 13.19
C ALA A 319 15.27 -9.30 12.39
N HIS A 320 15.32 -9.11 11.08
CA HIS A 320 14.24 -9.57 10.20
C HIS A 320 14.27 -11.08 10.08
N ALA A 321 15.48 -11.63 10.06
CA ALA A 321 15.77 -13.06 9.86
C ALA A 321 14.55 -13.98 9.98
N THR A 322 14.15 -14.51 8.82
CA THR A 322 12.92 -15.27 8.66
C THR A 322 13.13 -16.80 8.73
N SER A 323 14.38 -17.22 8.89
CA SER A 323 14.77 -18.64 8.87
C SER A 323 15.05 -19.13 7.44
N THR A 324 15.69 -18.27 6.65
N THR A 324 15.70 -18.27 6.66
CA THR A 324 16.05 -18.60 5.28
CA THR A 324 16.04 -18.55 5.26
C THR A 324 17.56 -18.62 5.12
C THR A 324 17.57 -18.61 5.12
N PRO A 325 18.09 -19.67 4.45
CA PRO A 325 19.55 -19.82 4.25
C PRO A 325 20.30 -18.57 3.79
N ILE A 326 19.86 -17.96 2.71
CA ILE A 326 20.54 -16.78 2.16
C ILE A 326 20.21 -15.53 3.00
N GLY A 327 18.91 -15.29 3.18
CA GLY A 327 18.42 -14.10 3.87
C GLY A 327 19.04 -13.82 5.23
N ASP A 328 19.07 -14.84 6.09
CA ASP A 328 19.57 -14.68 7.46
C ASP A 328 21.06 -14.33 7.49
N ALA A 329 21.83 -15.00 6.64
CA ALA A 329 23.27 -14.77 6.51
C ALA A 329 23.56 -13.36 6.01
N VAL A 330 22.80 -12.90 5.03
CA VAL A 330 22.94 -11.56 4.47
C VAL A 330 22.71 -10.50 5.55
N GLU A 331 21.64 -10.64 6.33
CA GLU A 331 21.37 -9.69 7.40
C GLU A 331 22.46 -9.73 8.48
N ALA A 332 22.90 -10.94 8.84
CA ALA A 332 23.99 -11.12 9.81
C ALA A 332 25.24 -10.37 9.34
N ARG A 333 25.56 -10.52 8.06
CA ARG A 333 26.67 -9.83 7.41
C ARG A 333 26.48 -8.32 7.49
N ALA A 334 25.25 -7.87 7.24
CA ALA A 334 24.90 -6.45 7.29
C ALA A 334 24.98 -5.87 8.71
N ILE A 335 24.56 -6.64 9.70
CA ILE A 335 24.68 -6.25 11.11
C ILE A 335 26.16 -6.11 11.51
N LYS A 336 27.00 -7.02 11.00
CA LYS A 336 28.45 -6.92 11.19
C LYS A 336 29.04 -5.66 10.58
N THR A 337 28.53 -5.27 9.41
CA THR A 337 29.03 -4.09 8.69
C THR A 337 28.64 -2.78 9.38
N VAL A 338 27.41 -2.74 9.90
CA VAL A 338 26.89 -1.52 10.53
C VAL A 338 27.49 -1.31 11.93
N PHE A 339 27.60 -2.39 12.69
CA PHE A 339 28.00 -2.29 14.09
C PHE A 339 29.47 -2.69 14.36
N SER A 340 30.09 -3.32 13.38
CA SER A 340 31.49 -3.79 13.46
C SER A 340 31.91 -4.24 14.87
N GLU A 341 32.79 -3.47 15.50
CA GLU A 341 33.37 -3.82 16.81
C GLU A 341 32.30 -4.00 17.90
N HIS A 342 31.25 -3.18 17.84
CA HIS A 342 30.13 -3.25 18.78
C HIS A 342 29.39 -4.58 18.70
N ALA A 343 29.40 -5.19 17.51
CA ALA A 343 28.74 -6.47 17.27
C ALA A 343 29.69 -7.66 17.47
N THR A 344 30.90 -7.55 16.93
CA THR A 344 31.88 -8.65 16.95
C THR A 344 32.49 -8.91 18.33
N SER A 345 32.36 -7.94 19.24
CA SER A 345 32.84 -8.09 20.62
C SER A 345 31.80 -8.79 21.50
N GLY A 346 30.57 -8.89 21.01
CA GLY A 346 29.48 -9.51 21.74
C GLY A 346 28.68 -8.53 22.58
N THR A 347 29.00 -7.24 22.46
CA THR A 347 28.30 -6.18 23.20
C THR A 347 26.86 -6.01 22.69
N LEU A 348 26.69 -6.02 21.37
CA LEU A 348 25.36 -5.88 20.77
C LEU A 348 24.50 -7.11 21.00
N ALA A 349 23.30 -6.91 21.55
CA ALA A 349 22.31 -7.95 21.68
C ALA A 349 21.42 -7.95 20.44
N PHE A 350 21.25 -9.11 19.82
CA PHE A 350 20.33 -9.24 18.70
C PHE A 350 19.67 -10.61 18.65
N SER A 351 18.43 -10.64 18.16
CA SER A 351 17.67 -11.86 18.02
C SER A 351 16.62 -11.70 16.94
N SER A 352 16.12 -12.83 16.43
CA SER A 352 14.91 -12.85 15.62
C SER A 352 13.81 -13.59 16.37
N THR A 353 12.63 -12.98 16.45
CA THR A 353 11.51 -13.56 17.18
C THR A 353 10.61 -14.41 16.28
N LYS A 354 11.02 -14.60 15.03
CA LYS A 354 10.24 -15.36 14.05
C LYS A 354 10.25 -16.87 14.28
N GLY A 355 11.18 -17.36 15.10
CA GLY A 355 11.14 -18.74 15.57
C GLY A 355 9.87 -19.02 16.37
N ALA A 356 9.38 -18.00 17.06
CA ALA A 356 8.21 -18.10 17.93
C ALA A 356 6.88 -17.73 17.24
N THR A 357 6.89 -16.62 16.49
CA THR A 357 5.67 -16.10 15.87
C THR A 357 5.48 -16.61 14.45
N GLY A 358 6.55 -17.10 13.82
CA GLY A 358 6.55 -17.33 12.38
C GLY A 358 6.68 -16.01 11.66
N HIS A 359 6.60 -16.04 10.33
CA HIS A 359 6.65 -14.84 9.51
C HIS A 359 5.25 -14.25 9.34
N LEU A 360 4.96 -13.17 10.06
CA LEU A 360 3.64 -12.54 10.02
C LEU A 360 3.43 -11.65 8.79
N LEU A 361 4.39 -11.70 7.86
CA LEU A 361 4.29 -11.04 6.56
C LEU A 361 4.06 -9.53 6.68
N GLY A 362 2.89 -9.05 6.25
CA GLY A 362 2.54 -7.63 6.36
C GLY A 362 2.46 -7.10 7.78
N ALA A 363 2.24 -8.00 8.73
CA ALA A 363 2.16 -7.61 10.14
C ALA A 363 3.49 -7.74 10.89
N ALA A 364 4.47 -8.40 10.26
CA ALA A 364 5.76 -8.70 10.88
C ALA A 364 6.47 -7.46 11.42
N GLY A 365 6.56 -6.42 10.60
CA GLY A 365 7.25 -5.18 10.97
C GLY A 365 6.61 -4.46 12.13
N ALA A 366 5.29 -4.59 12.26
CA ALA A 366 4.54 -3.92 13.31
C ALA A 366 4.64 -4.68 14.63
N VAL A 367 4.45 -6.00 14.55
CA VAL A 367 4.57 -6.86 15.72
C VAL A 367 5.99 -6.78 16.31
N GLU A 368 6.98 -6.79 15.45
CA GLU A 368 8.38 -6.78 15.90
C GLU A 368 8.84 -5.41 16.39
N ALA A 369 8.18 -4.34 15.92
CA ALA A 369 8.39 -3.01 16.47
C ALA A 369 7.86 -2.94 17.90
N ILE A 370 6.71 -3.59 18.13
CA ILE A 370 6.13 -3.71 19.47
C ILE A 370 7.09 -4.47 20.40
N PHE A 371 7.67 -5.57 19.91
CA PHE A 371 8.66 -6.32 20.68
C PHE A 371 9.85 -5.45 21.06
N SER A 372 10.30 -4.62 20.12
CA SER A 372 11.41 -3.69 20.34
C SER A 372 11.07 -2.61 21.37
N ILE A 373 9.85 -2.06 21.28
CA ILE A 373 9.36 -1.09 22.26
C ILE A 373 9.25 -1.73 23.65
N LEU A 374 8.79 -2.98 23.69
CA LEU A 374 8.65 -3.71 24.96
C LEU A 374 10.00 -4.08 25.57
N ALA A 375 11.00 -4.33 24.72
CA ALA A 375 12.37 -4.57 25.17
C ALA A 375 12.90 -3.37 25.95
N ILE A 376 12.67 -2.17 25.41
CA ILE A 376 13.00 -0.92 26.09
C ILE A 376 12.20 -0.79 27.39
N HIS A 377 10.89 -1.00 27.29
CA HIS A 377 9.98 -0.81 28.42
C HIS A 377 10.25 -1.75 29.61
N HIS A 378 10.57 -3.01 29.32
CA HIS A 378 10.74 -4.03 30.36
C HIS A 378 12.20 -4.34 30.70
N GLY A 379 13.12 -3.94 29.83
CA GLY A 379 14.54 -4.28 30.01
C GLY A 379 14.79 -5.77 29.85
N VAL A 380 14.13 -6.37 28.86
CA VAL A 380 14.30 -7.79 28.55
C VAL A 380 14.37 -7.91 27.03
N ALA A 381 15.42 -8.57 26.54
CA ALA A 381 15.55 -8.84 25.11
C ALA A 381 15.14 -10.28 24.84
N PRO A 382 14.23 -10.50 23.87
CA PRO A 382 13.71 -11.84 23.59
C PRO A 382 14.73 -12.76 22.91
N MET A 383 14.55 -14.06 23.09
CA MET A 383 15.43 -15.08 22.52
C MET A 383 15.11 -15.37 21.06
N THR A 384 16.08 -15.96 20.36
CA THR A 384 15.84 -16.63 19.08
C THR A 384 15.66 -18.11 19.41
N LEU A 385 14.56 -18.69 18.95
CA LEU A 385 14.32 -20.12 19.15
C LEU A 385 15.06 -20.96 18.13
N ASN A 386 15.42 -22.18 18.54
CA ASN A 386 15.95 -23.23 17.66
C ASN A 386 17.34 -23.00 17.04
N VAL A 387 18.18 -22.23 17.72
CA VAL A 387 19.57 -22.06 17.29
C VAL A 387 20.44 -23.12 17.99
N LYS A 388 20.43 -24.32 17.43
CA LYS A 388 21.19 -25.44 17.99
C LYS A 388 22.60 -25.44 17.41
N ASN A 389 22.70 -25.09 16.13
CA ASN A 389 23.96 -24.98 15.44
C ASN A 389 24.02 -23.65 14.68
N PRO A 390 24.54 -22.60 15.35
CA PRO A 390 24.59 -21.26 14.77
C PRO A 390 25.36 -21.20 13.45
N ASP A 391 24.92 -20.32 12.56
CA ASP A 391 25.55 -20.11 11.25
C ASP A 391 27.05 -19.83 11.38
N PRO A 392 27.88 -20.40 10.49
CA PRO A 392 29.34 -20.20 10.46
C PRO A 392 29.81 -18.76 10.61
N ILE A 393 28.98 -17.78 10.21
CA ILE A 393 29.31 -16.37 10.36
C ILE A 393 29.47 -15.98 11.84
N PHE A 394 28.77 -16.69 12.72
CA PHE A 394 28.77 -16.41 14.15
C PHE A 394 29.91 -17.11 14.88
N ASP A 395 30.38 -16.48 15.94
CA ASP A 395 31.40 -17.07 16.81
C ASP A 395 31.02 -16.87 18.29
N LYS A 396 31.93 -17.22 19.18
CA LYS A 396 31.70 -17.11 20.63
C LYS A 396 31.15 -15.75 21.07
N ARG A 397 31.61 -14.68 20.42
CA ARG A 397 31.20 -13.32 20.76
C ARG A 397 30.03 -12.81 19.90
N PHE A 398 30.23 -12.81 18.58
CA PHE A 398 29.19 -12.39 17.64
C PHE A 398 28.17 -13.52 17.45
N MET A 399 27.04 -13.41 18.15
CA MET A 399 26.09 -14.51 18.31
C MET A 399 24.70 -13.98 18.67
N PRO A 400 23.64 -14.48 18.00
CA PRO A 400 22.29 -14.09 18.39
C PRO A 400 21.89 -14.67 19.74
N LEU A 401 20.99 -13.99 20.44
CA LEU A 401 20.51 -14.44 21.75
C LEU A 401 19.72 -15.73 21.63
N THR A 402 20.01 -16.68 22.51
CA THR A 402 19.31 -17.97 22.52
C THR A 402 18.50 -18.17 23.80
N THR A 403 18.64 -17.22 24.74
CA THR A 403 17.80 -17.15 25.93
C THR A 403 17.32 -15.71 26.08
N SER A 404 16.16 -15.53 26.72
CA SER A 404 15.68 -14.19 27.04
C SER A 404 16.59 -13.59 28.10
N LYS A 405 17.18 -12.44 27.80
CA LYS A 405 18.13 -11.85 28.74
C LYS A 405 17.74 -10.47 29.27
N LYS A 406 17.71 -10.37 30.60
CA LYS A 406 17.58 -9.09 31.29
C LYS A 406 18.77 -8.22 30.92
N MET A 407 18.48 -6.96 30.59
CA MET A 407 19.50 -5.96 30.28
C MET A 407 18.84 -4.60 30.14
N LEU A 408 19.59 -3.53 30.41
CA LEU A 408 19.12 -2.19 30.10
C LEU A 408 19.04 -2.04 28.58
N VAL A 409 17.84 -1.76 28.09
CA VAL A 409 17.63 -1.47 26.69
C VAL A 409 17.14 -0.03 26.56
N ARG A 410 18.06 0.88 26.24
CA ARG A 410 17.68 2.28 26.03
C ARG A 410 17.38 2.58 24.57
N THR A 411 17.91 1.74 23.68
CA THR A 411 17.69 1.87 22.25
C THR A 411 17.42 0.49 21.62
N ALA A 412 16.40 0.43 20.77
CA ALA A 412 16.04 -0.82 20.07
C ALA A 412 15.73 -0.54 18.61
N MET A 413 16.37 -1.30 17.72
CA MET A 413 16.19 -1.17 16.28
C MET A 413 15.52 -2.43 15.72
N SER A 414 14.60 -2.24 14.79
CA SER A 414 13.87 -3.36 14.17
C SER A 414 13.92 -3.29 12.64
N ASN A 415 14.48 -4.34 12.03
CA ASN A 415 14.61 -4.44 10.58
C ASN A 415 13.42 -5.20 9.96
N SER A 416 12.95 -4.71 8.81
CA SER A 416 11.92 -5.41 8.03
C SER A 416 12.23 -5.29 6.54
N PHE A 417 12.40 -6.44 5.88
CA PHE A 417 12.71 -6.47 4.45
C PHE A 417 11.63 -7.22 3.67
N GLY A 418 11.33 -6.77 2.46
CA GLY A 418 10.27 -7.37 1.65
C GLY A 418 10.65 -7.68 0.21
N PHE A 419 9.80 -8.45 -0.47
CA PHE A 419 9.96 -8.72 -1.89
C PHE A 419 9.99 -7.41 -2.66
N GLY A 420 10.81 -7.36 -3.70
CA GLY A 420 11.04 -6.14 -4.45
C GLY A 420 12.26 -5.40 -3.96
N GLY A 421 12.87 -5.92 -2.90
CA GLY A 421 14.06 -5.33 -2.30
C GLY A 421 13.77 -4.09 -1.49
N THR A 422 12.58 -4.06 -0.87
CA THR A 422 12.15 -2.92 -0.07
C THR A 422 12.54 -3.11 1.39
N ASN A 423 13.29 -2.14 1.93
CA ASN A 423 13.84 -2.25 3.29
C ASN A 423 13.42 -1.10 4.19
N ALA A 424 13.09 -1.45 5.42
CA ALA A 424 12.82 -0.45 6.45
C ALA A 424 13.53 -0.83 7.74
N SER A 425 13.96 0.18 8.48
CA SER A 425 14.56 -0.02 9.79
C SER A 425 13.98 1.03 10.75
N LEU A 426 13.33 0.56 11.81
CA LEU A 426 12.73 1.45 12.80
C LEU A 426 13.59 1.48 14.06
N LEU A 427 13.92 2.69 14.51
CA LEU A 427 14.76 2.85 15.69
C LEU A 427 14.03 3.59 16.82
N PHE A 428 13.87 2.89 17.94
CA PHE A 428 13.20 3.44 19.11
C PHE A 428 14.19 3.71 20.22
N ALA A 429 13.85 4.65 21.10
CA ALA A 429 14.68 4.98 22.26
C ALA A 429 13.79 5.35 23.44
N SER A 430 14.28 5.12 24.65
CA SER A 430 13.60 5.60 25.86
C SER A 430 13.63 7.12 25.89
N ILE A 431 12.66 7.73 26.57
CA ILE A 431 12.51 9.18 26.56
C ILE A 431 12.22 9.73 27.96
N ARG B 1 12.82 22.16 3.03
CA ARG B 1 13.08 21.61 1.71
C ARG B 1 11.82 21.68 0.84
N ARG B 2 11.96 22.28 -0.35
CA ARG B 2 10.86 22.38 -1.29
C ARG B 2 10.99 21.29 -2.35
N VAL B 3 9.83 20.85 -2.87
CA VAL B 3 9.75 19.73 -3.80
C VAL B 3 9.13 20.17 -5.12
N VAL B 4 9.83 19.89 -6.21
CA VAL B 4 9.39 20.28 -7.55
C VAL B 4 9.26 19.07 -8.46
N VAL B 5 8.55 19.26 -9.59
CA VAL B 5 8.37 18.18 -10.56
C VAL B 5 9.27 18.43 -11.77
N THR B 6 10.10 17.44 -12.09
CA THR B 6 11.06 17.57 -13.17
C THR B 6 10.85 16.57 -14.31
N GLY B 7 9.91 15.65 -14.12
CA GLY B 7 9.60 14.66 -15.15
C GLY B 7 8.19 14.13 -15.08
N LEU B 8 7.61 13.87 -16.25
CA LEU B 8 6.27 13.29 -16.37
C LEU B 8 6.30 12.11 -17.34
N GLY B 9 5.54 11.07 -16.99
CA GLY B 9 5.40 9.90 -17.84
C GLY B 9 4.05 9.26 -17.59
N MET B 10 3.44 8.71 -18.63
CA MET B 10 2.11 8.09 -18.48
C MET B 10 1.75 7.12 -19.60
N VAL B 11 0.93 6.14 -19.25
CA VAL B 11 0.34 5.20 -20.21
C VAL B 11 -1.14 5.15 -19.85
N THR B 12 -2.00 5.60 -20.76
CA THR B 12 -3.43 5.76 -20.47
C THR B 12 -4.28 5.28 -21.64
N PRO B 13 -5.62 5.18 -21.44
CA PRO B 13 -6.53 4.89 -22.55
C PRO B 13 -6.52 5.96 -23.65
N LEU B 14 -5.93 7.12 -23.38
CA LEU B 14 -5.74 8.15 -24.40
C LEU B 14 -4.36 8.06 -25.07
N GLY B 15 -3.64 6.98 -24.81
CA GLY B 15 -2.37 6.73 -25.48
C GLY B 15 -1.20 6.48 -24.54
N ARG B 16 -0.14 5.90 -25.09
CA ARG B 16 1.13 5.78 -24.39
C ARG B 16 1.88 7.08 -24.57
N GLY B 17 2.36 7.64 -23.46
CA GLY B 17 3.13 8.88 -23.50
C GLY B 17 2.29 10.10 -23.16
N VAL B 18 2.94 11.08 -22.53
CA VAL B 18 2.32 12.37 -22.17
C VAL B 18 1.86 13.13 -23.42
N GLU B 19 2.69 13.13 -24.47
CA GLU B 19 2.37 13.83 -25.72
C GLU B 19 0.99 13.47 -26.25
N THR B 20 0.76 12.17 -26.47
CA THR B 20 -0.49 11.67 -27.05
C THR B 20 -1.67 11.83 -26.09
N THR B 21 -1.46 11.47 -24.83
CA THR B 21 -2.53 11.56 -23.82
C THR B 21 -3.06 12.98 -23.70
N TRP B 22 -2.16 13.95 -23.48
CA TRP B 22 -2.54 15.36 -23.32
C TRP B 22 -3.21 15.93 -24.56
N ARG B 23 -2.63 15.67 -25.74
CA ARG B 23 -3.20 16.13 -27.01
C ARG B 23 -4.64 15.63 -27.20
N ARG B 24 -4.84 14.33 -27.01
CA ARG B 24 -6.17 13.72 -27.16
C ARG B 24 -7.15 14.20 -26.09
N LEU B 25 -6.67 14.35 -24.85
CA LEU B 25 -7.51 14.88 -23.77
C LEU B 25 -8.04 16.26 -24.12
N ILE B 26 -7.11 17.15 -24.51
CA ILE B 26 -7.43 18.54 -24.84
C ILE B 26 -8.33 18.66 -26.08
N ASP B 27 -8.18 17.72 -27.01
CA ASP B 27 -9.02 17.64 -28.20
C ASP B 27 -10.41 17.03 -27.94
N GLY B 28 -10.72 16.75 -26.67
CA GLY B 28 -12.02 16.25 -26.28
C GLY B 28 -12.29 14.79 -26.62
N GLU B 29 -11.23 13.99 -26.65
CA GLU B 29 -11.33 12.58 -27.02
C GLU B 29 -11.62 11.66 -25.82
N CYS B 30 -11.90 10.40 -26.12
CA CYS B 30 -12.31 9.41 -25.12
C CYS B 30 -11.70 8.04 -25.44
N GLY B 31 -11.22 7.36 -24.40
CA GLY B 31 -10.58 6.05 -24.59
C GLY B 31 -11.45 4.85 -24.26
N ILE B 32 -12.74 5.09 -24.07
CA ILE B 32 -13.68 4.03 -23.70
C ILE B 32 -14.25 3.32 -24.93
N ARG B 33 -14.22 1.98 -24.89
CA ARG B 33 -14.85 1.14 -25.92
C ARG B 33 -15.65 0.00 -25.27
N GLY B 34 -16.37 -0.76 -26.10
CA GLY B 34 -17.16 -1.89 -25.62
C GLY B 34 -16.30 -3.09 -25.26
N LEU B 35 -16.72 -3.82 -24.21
CA LEU B 35 -16.03 -5.05 -23.79
C LEU B 35 -16.23 -6.17 -24.79
N THR B 36 -15.18 -6.96 -25.01
CA THR B 36 -15.28 -8.20 -25.78
C THR B 36 -14.93 -9.40 -24.90
N LEU B 37 -15.01 -10.61 -25.47
CA LEU B 37 -14.64 -11.84 -24.78
C LEU B 37 -13.15 -11.86 -24.43
N ASP B 38 -12.32 -11.41 -25.37
CA ASP B 38 -10.87 -11.31 -25.18
C ASP B 38 -10.46 -10.44 -24.00
N ASP B 39 -11.30 -9.46 -23.66
CA ASP B 39 -11.01 -8.52 -22.59
C ASP B 39 -11.19 -9.10 -21.18
N LEU B 40 -11.83 -10.27 -21.09
CA LEU B 40 -12.05 -10.93 -19.80
C LEU B 40 -10.77 -11.48 -19.19
N LYS B 41 -9.75 -11.63 -20.04
CA LYS B 41 -8.43 -12.18 -19.66
C LYS B 41 -8.56 -13.62 -19.16
N MET B 42 -9.38 -14.39 -19.87
CA MET B 42 -9.72 -15.75 -19.50
C MET B 42 -9.18 -16.76 -20.50
N LYS B 43 -7.91 -16.59 -20.89
CA LYS B 43 -7.25 -17.44 -21.87
C LYS B 43 -7.17 -18.92 -21.46
N SER B 44 -7.22 -19.18 -20.15
CA SER B 44 -7.12 -20.53 -19.61
C SER B 44 -8.49 -21.22 -19.45
N PHE B 45 -9.55 -20.52 -19.84
CA PHE B 45 -10.92 -21.02 -19.74
C PHE B 45 -11.47 -21.38 -21.11
N ASP B 46 -12.41 -22.32 -21.14
CA ASP B 46 -13.05 -22.70 -22.40
C ASP B 46 -14.08 -21.66 -22.86
N GLU B 47 -14.53 -21.80 -24.10
CA GLU B 47 -15.38 -20.79 -24.73
C GLU B 47 -16.73 -20.64 -24.05
N GLU B 48 -17.29 -21.75 -23.58
CA GLU B 48 -18.58 -21.79 -22.89
C GLU B 48 -18.55 -20.96 -21.60
N THR B 49 -17.45 -21.06 -20.86
CA THR B 49 -17.27 -20.32 -19.61
C THR B 49 -17.04 -18.83 -19.87
N LYS B 50 -16.29 -18.52 -20.93
CA LYS B 50 -16.10 -17.14 -21.38
C LYS B 50 -17.44 -16.47 -21.68
N LEU B 51 -18.27 -17.14 -22.47
CA LEU B 51 -19.56 -16.63 -22.88
C LEU B 51 -20.52 -16.46 -21.70
N TYR B 52 -20.55 -17.43 -20.80
CA TYR B 52 -21.36 -17.33 -19.59
C TYR B 52 -20.97 -16.10 -18.77
N THR B 53 -19.68 -15.97 -18.50
CA THR B 53 -19.14 -14.89 -17.67
C THR B 53 -19.45 -13.52 -18.27
N PHE B 54 -19.22 -13.39 -19.58
CA PHE B 54 -19.49 -12.15 -20.29
C PHE B 54 -20.96 -11.74 -20.17
N ASP B 55 -21.86 -12.72 -20.29
CA ASP B 55 -23.30 -12.49 -20.17
C ASP B 55 -23.70 -12.02 -18.77
N GLN B 56 -22.90 -12.40 -17.78
CA GLN B 56 -23.20 -12.08 -16.37
C GLN B 56 -22.80 -10.66 -15.98
N LEU B 57 -21.98 -10.01 -16.82
CA LEU B 57 -21.48 -8.66 -16.53
C LEU B 57 -22.49 -7.59 -16.95
N SER B 58 -22.96 -6.81 -15.98
CA SER B 58 -23.92 -5.74 -16.25
C SER B 58 -23.26 -4.56 -16.95
N SER B 59 -21.99 -4.31 -16.63
CA SER B 59 -21.19 -3.28 -17.29
C SER B 59 -20.36 -3.89 -18.42
N LYS B 60 -20.52 -3.39 -19.63
CA LYS B 60 -19.80 -3.91 -20.78
C LYS B 60 -19.01 -2.82 -21.52
N VAL B 61 -18.50 -1.88 -20.72
CA VAL B 61 -17.66 -0.79 -21.22
C VAL B 61 -16.39 -0.68 -20.36
N ALA B 62 -15.27 -0.36 -21.00
CA ALA B 62 -14.00 -0.16 -20.30
C ALA B 62 -13.06 0.73 -21.11
N ALA B 63 -12.06 1.29 -20.44
CA ALA B 63 -11.10 2.16 -21.07
C ALA B 63 -9.73 1.49 -21.14
N PHE B 64 -9.28 1.19 -22.36
CA PHE B 64 -8.10 0.38 -22.59
C PHE B 64 -6.89 1.17 -23.10
N VAL B 65 -5.72 0.82 -22.60
CA VAL B 65 -4.46 1.31 -23.14
C VAL B 65 -4.29 0.74 -24.56
N PRO B 66 -4.02 1.61 -25.56
CA PRO B 66 -3.79 1.12 -26.93
C PRO B 66 -2.42 0.47 -27.08
N TYR B 67 -2.42 -0.79 -27.50
CA TYR B 67 -1.21 -1.58 -27.67
C TYR B 67 -0.71 -1.48 -29.11
N GLY B 68 0.60 -1.61 -29.29
CA GLY B 68 1.19 -1.60 -30.62
C GLY B 68 2.57 -0.99 -30.70
N SER B 69 3.18 -1.08 -31.87
CA SER B 69 4.55 -0.63 -32.10
C SER B 69 4.63 0.76 -32.77
N ASN B 70 3.49 1.43 -32.90
CA ASN B 70 3.41 2.75 -33.51
C ASN B 70 3.42 3.86 -32.46
N PRO B 71 3.73 5.12 -32.87
CA PRO B 71 3.62 6.28 -31.97
C PRO B 71 2.29 6.33 -31.21
N GLY B 72 2.35 6.62 -29.92
CA GLY B 72 1.15 6.71 -29.08
C GLY B 72 0.64 5.38 -28.58
N GLU B 73 1.33 4.30 -28.90
CA GLU B 73 0.91 2.94 -28.54
C GLU B 73 1.88 2.24 -27.59
N PHE B 74 1.33 1.39 -26.72
CA PHE B 74 2.10 0.64 -25.74
C PHE B 74 2.68 -0.65 -26.33
N ASP B 75 4.01 -0.70 -26.46
CA ASP B 75 4.70 -1.87 -27.02
C ASP B 75 4.92 -2.93 -25.95
N GLU B 76 4.07 -3.95 -25.94
CA GLU B 76 4.11 -4.99 -24.91
C GLU B 76 5.38 -5.86 -24.97
N ALA B 77 6.00 -5.91 -26.14
CA ALA B 77 7.26 -6.63 -26.32
C ALA B 77 8.41 -5.99 -25.54
N LEU B 78 8.36 -4.66 -25.40
CA LEU B 78 9.37 -3.92 -24.65
C LEU B 78 9.19 -4.04 -23.14
N TRP B 79 7.97 -3.86 -22.66
CA TRP B 79 7.73 -3.68 -21.23
C TRP B 79 7.24 -4.93 -20.51
N LEU B 80 6.46 -5.76 -21.18
CA LEU B 80 6.04 -7.04 -20.62
C LEU B 80 7.03 -8.11 -21.08
N ASN B 81 8.26 -7.98 -20.60
CA ASN B 81 9.42 -8.72 -21.13
C ASN B 81 9.84 -9.96 -20.34
N SER B 82 9.20 -10.22 -19.21
CA SER B 82 9.47 -11.41 -18.42
C SER B 82 8.20 -11.98 -17.78
N LYS B 83 8.29 -13.22 -17.30
CA LYS B 83 7.16 -13.92 -16.68
C LYS B 83 6.72 -13.30 -15.36
N ALA B 84 7.60 -12.51 -14.76
CA ALA B 84 7.34 -11.87 -13.47
C ALA B 84 6.61 -10.53 -13.61
N VAL B 85 6.41 -10.09 -14.85
CA VAL B 85 5.82 -8.77 -15.12
C VAL B 85 4.32 -8.88 -15.43
N ALA B 86 3.50 -8.55 -14.43
CA ALA B 86 2.07 -8.34 -14.66
C ALA B 86 1.87 -7.01 -15.38
N ASN B 87 0.70 -6.80 -15.96
CA ASN B 87 0.41 -5.58 -16.73
C ASN B 87 0.65 -4.28 -15.96
N PHE B 88 0.22 -4.22 -14.70
CA PHE B 88 0.38 -3.02 -13.87
C PHE B 88 1.86 -2.66 -13.65
N ILE B 89 2.72 -3.67 -13.57
CA ILE B 89 4.15 -3.50 -13.44
C ILE B 89 4.73 -2.94 -14.75
N GLY B 90 4.37 -3.55 -15.88
CA GLY B 90 4.78 -3.09 -17.20
C GLY B 90 4.43 -1.64 -17.51
N TYR B 91 3.20 -1.24 -17.19
CA TYR B 91 2.74 0.14 -17.39
C TYR B 91 3.56 1.12 -16.57
N ALA B 92 3.82 0.75 -15.31
CA ALA B 92 4.61 1.58 -14.39
C ALA B 92 6.04 1.78 -14.87
N VAL B 93 6.68 0.71 -15.33
CA VAL B 93 8.05 0.79 -15.85
C VAL B 93 8.09 1.67 -17.11
N CYS B 94 7.13 1.45 -18.00
CA CYS B 94 6.99 2.26 -19.22
C CYS B 94 6.85 3.76 -18.87
N ALA B 95 5.94 4.06 -17.96
CA ALA B 95 5.70 5.43 -17.50
C ALA B 95 6.93 6.02 -16.79
N ALA B 96 7.61 5.20 -15.98
CA ALA B 96 8.79 5.65 -15.24
C ALA B 96 9.94 5.99 -16.17
N ASP B 97 10.13 5.17 -17.20
CA ASP B 97 11.17 5.40 -18.19
C ASP B 97 10.97 6.74 -18.88
N GLU B 98 9.74 7.00 -19.32
CA GLU B 98 9.39 8.28 -19.94
C GLU B 98 9.68 9.45 -18.99
N ALA B 99 9.23 9.31 -17.74
CA ALA B 99 9.40 10.35 -16.72
C ALA B 99 10.87 10.67 -16.42
N LEU B 100 11.70 9.62 -16.35
CA LEU B 100 13.11 9.77 -16.03
C LEU B 100 13.92 10.34 -17.20
N ARG B 101 13.56 9.95 -18.41
CA ARG B 101 14.20 10.50 -19.60
C ARG B 101 13.76 11.95 -19.83
N ASP B 102 12.55 12.27 -19.37
CA ASP B 102 12.03 13.64 -19.39
C ASP B 102 12.78 14.50 -18.38
N ALA B 103 12.97 13.97 -17.17
CA ALA B 103 13.73 14.63 -16.12
C ALA B 103 15.24 14.64 -16.38
N GLU B 104 15.66 13.88 -17.40
CA GLU B 104 17.08 13.66 -17.70
C GLU B 104 17.81 13.13 -16.46
N TRP B 105 17.19 12.16 -15.80
CA TRP B 105 17.70 11.59 -14.57
C TRP B 105 17.93 10.09 -14.70
N LEU B 106 19.11 9.74 -15.17
CA LEU B 106 19.56 8.35 -15.24
C LEU B 106 20.99 8.30 -14.68
N PRO B 107 21.13 8.57 -13.36
CA PRO B 107 22.48 8.70 -12.79
C PRO B 107 23.30 7.40 -12.82
N THR B 108 24.60 7.53 -13.02
CA THR B 108 25.50 6.38 -12.95
C THR B 108 26.17 6.31 -11.58
N GLU B 109 26.21 7.44 -10.88
CA GLU B 109 26.90 7.57 -9.58
C GLU B 109 26.12 6.89 -8.46
N GLU B 110 26.81 6.09 -7.65
CA GLU B 110 26.20 5.42 -6.51
C GLU B 110 25.53 6.40 -5.54
N GLU B 111 26.18 7.54 -5.33
N GLU B 111 26.17 7.54 -5.32
CA GLU B 111 25.67 8.62 -4.49
CA GLU B 111 25.65 8.61 -4.47
C GLU B 111 24.26 9.05 -4.91
C GLU B 111 24.25 9.05 -4.92
N GLU B 112 24.12 9.40 -6.20
CA GLU B 112 22.84 9.86 -6.75
C GLU B 112 21.78 8.75 -6.80
N LYS B 113 22.22 7.53 -7.09
CA LYS B 113 21.33 6.37 -7.11
C LYS B 113 20.80 6.06 -5.71
N GLU B 114 21.65 6.19 -4.70
CA GLU B 114 21.27 5.98 -3.30
C GLU B 114 20.32 7.05 -2.80
N ARG B 115 20.38 8.23 -3.43
CA ARG B 115 19.52 9.35 -3.04
C ARG B 115 18.23 9.42 -3.87
N THR B 116 18.03 8.43 -4.75
CA THR B 116 16.82 8.33 -5.56
C THR B 116 15.96 7.15 -5.10
N GLY B 117 14.71 7.44 -4.78
CA GLY B 117 13.78 6.40 -4.37
C GLY B 117 12.62 6.23 -5.34
N VAL B 118 11.71 5.31 -4.99
CA VAL B 118 10.57 4.99 -5.84
C VAL B 118 9.34 4.75 -4.96
N SER B 119 8.24 5.42 -5.31
CA SER B 119 6.97 5.25 -4.62
C SER B 119 5.81 5.16 -5.63
N ILE B 120 5.64 3.98 -6.20
CA ILE B 120 4.60 3.73 -7.21
C ILE B 120 3.68 2.61 -6.72
N GLY B 121 2.47 2.98 -6.32
CA GLY B 121 1.51 2.02 -5.79
C GLY B 121 0.60 1.42 -6.85
N GLY B 122 0.10 0.22 -6.56
CA GLY B 122 -0.99 -0.39 -7.33
C GLY B 122 -2.15 -0.60 -6.37
N GLY B 123 -3.36 -0.45 -6.85
CA GLY B 123 -4.56 -0.55 -6.00
C GLY B 123 -5.04 -1.96 -5.71
N ILE B 124 -5.00 -2.82 -6.72
CA ILE B 124 -5.51 -4.19 -6.60
C ILE B 124 -4.47 -5.23 -7.00
N GLY B 125 -3.61 -4.90 -7.97
CA GLY B 125 -2.57 -5.82 -8.42
C GLY B 125 -2.95 -6.60 -9.65
N SER B 126 -2.95 -7.93 -9.53
CA SER B 126 -3.30 -8.78 -10.66
C SER B 126 -4.31 -9.87 -10.29
N ILE B 127 -5.59 -9.49 -10.30
CA ILE B 127 -6.70 -10.42 -10.01
C ILE B 127 -6.74 -11.59 -10.98
N CYS B 128 -6.48 -11.33 -12.26
CA CYS B 128 -6.56 -12.36 -13.31
C CYS B 128 -5.58 -13.53 -13.08
N ASP B 129 -4.41 -13.22 -12.55
CA ASP B 129 -3.42 -14.24 -12.21
C ASP B 129 -3.85 -15.09 -11.01
N ILE B 130 -4.53 -14.46 -10.06
CA ILE B 130 -5.09 -15.21 -8.92
C ILE B 130 -6.25 -16.11 -9.39
N VAL B 131 -7.07 -15.59 -10.29
CA VAL B 131 -8.16 -16.37 -10.91
C VAL B 131 -7.61 -17.61 -11.63
N GLU B 132 -6.54 -17.42 -12.39
CA GLU B 132 -5.91 -18.52 -13.13
C GLU B 132 -5.35 -19.60 -12.19
N ALA B 133 -4.73 -19.15 -11.10
CA ALA B 133 -4.18 -20.05 -10.09
C ALA B 133 -5.28 -20.80 -9.34
N ALA B 134 -6.37 -20.08 -9.03
CA ALA B 134 -7.53 -20.68 -8.36
C ALA B 134 -8.21 -21.73 -9.25
N GLN B 135 -8.14 -21.54 -10.57
CA GLN B 135 -8.64 -22.50 -11.52
C GLN B 135 -7.88 -23.84 -11.43
N LEU B 136 -6.59 -23.75 -11.13
CA LEU B 136 -5.75 -24.95 -10.94
C LEU B 136 -6.20 -25.79 -9.74
N ILE B 137 -6.77 -25.12 -8.73
CA ILE B 137 -7.39 -25.83 -7.60
C ILE B 137 -8.65 -26.58 -8.05
N CYS B 138 -9.55 -25.87 -8.73
CA CYS B 138 -10.81 -26.45 -9.23
C CYS B 138 -10.57 -27.62 -10.18
N GLU B 139 -9.51 -27.54 -10.98
CA GLU B 139 -9.22 -28.54 -12.01
C GLU B 139 -8.14 -29.54 -11.58
N LYS B 140 -7.67 -29.40 -10.33
CA LYS B 140 -6.64 -30.27 -9.74
C LYS B 140 -5.36 -30.33 -10.58
N ARG B 141 -4.85 -29.14 -10.92
CA ARG B 141 -3.66 -29.00 -11.75
C ARG B 141 -2.65 -28.04 -11.12
N LEU B 142 -2.54 -28.06 -9.79
CA LEU B 142 -1.63 -27.17 -9.06
C LEU B 142 -0.16 -27.35 -9.43
N ARG B 143 0.13 -28.45 -10.14
CA ARG B 143 1.45 -28.73 -10.69
C ARG B 143 1.93 -27.60 -11.62
N ARG B 144 0.97 -26.94 -12.27
CA ARG B 144 1.25 -25.91 -13.26
C ARG B 144 1.38 -24.50 -12.68
N LEU B 145 1.29 -24.39 -11.35
CA LEU B 145 1.40 -23.10 -10.67
C LEU B 145 2.75 -22.45 -10.93
N SER B 146 2.71 -21.19 -11.36
CA SER B 146 3.92 -20.45 -11.72
C SER B 146 4.76 -20.12 -10.50
N PRO B 147 6.10 -20.26 -10.62
CA PRO B 147 7.01 -19.85 -9.55
C PRO B 147 6.98 -18.34 -9.31
N PHE B 148 6.50 -17.59 -10.28
CA PHE B 148 6.42 -16.13 -10.19
C PHE B 148 5.05 -15.64 -9.73
N PHE B 149 4.19 -16.57 -9.30
CA PHE B 149 2.83 -16.22 -8.88
C PHE B 149 2.81 -15.12 -7.81
N ILE B 150 3.52 -15.34 -6.70
CA ILE B 150 3.53 -14.35 -5.60
C ILE B 150 4.10 -12.99 -6.02
N PRO B 151 5.32 -12.96 -6.60
CA PRO B 151 5.87 -11.68 -7.09
C PRO B 151 4.96 -10.92 -8.06
N LYS B 152 4.14 -11.63 -8.83
CA LYS B 152 3.24 -11.01 -9.80
C LYS B 152 2.03 -10.29 -9.19
N ILE B 153 1.55 -10.78 -8.05
CA ILE B 153 0.29 -10.28 -7.49
C ILE B 153 0.46 -9.20 -6.41
N LEU B 154 1.71 -8.97 -5.99
CA LEU B 154 1.99 -8.01 -4.91
C LEU B 154 1.91 -6.56 -5.38
N VAL B 155 1.11 -5.76 -4.67
CA VAL B 155 0.81 -4.39 -5.09
C VAL B 155 2.01 -3.42 -5.03
N ASN B 156 3.09 -3.83 -4.37
CA ASN B 156 4.28 -2.98 -4.22
C ASN B 156 5.35 -3.21 -5.28
N MET B 157 5.12 -4.19 -6.15
CA MET B 157 6.18 -4.68 -7.03
C MET B 157 6.57 -3.76 -8.19
N ALA B 158 5.71 -2.80 -8.52
CA ALA B 158 6.06 -1.77 -9.50
C ALA B 158 7.26 -0.95 -9.00
N SER B 159 7.23 -0.55 -7.73
CA SER B 159 8.36 0.13 -7.10
C SER B 159 9.63 -0.71 -7.16
N GLY B 160 9.49 -2.02 -6.95
CA GLY B 160 10.60 -2.96 -6.98
C GLY B 160 11.25 -3.11 -8.35
N HIS B 161 10.42 -3.20 -9.39
CA HIS B 161 10.95 -3.34 -10.75
C HIS B 161 11.62 -2.07 -11.28
N VAL B 162 11.04 -0.91 -10.94
CA VAL B 162 11.62 0.38 -11.34
C VAL B 162 12.97 0.62 -10.67
N SER B 163 13.04 0.37 -9.36
CA SER B 163 14.29 0.57 -8.62
C SER B 163 15.43 -0.31 -9.13
N MET B 164 15.17 -1.59 -9.37
CA MET B 164 16.22 -2.48 -9.86
C MET B 164 16.63 -2.21 -11.31
N LYS B 165 15.70 -1.69 -12.12
CA LYS B 165 16.03 -1.32 -13.50
C LYS B 165 17.07 -0.21 -13.56
N TYR B 166 16.92 0.80 -12.68
CA TYR B 166 17.79 1.98 -12.71
C TYR B 166 18.80 2.02 -11.56
N GLY B 167 18.75 1.02 -10.70
CA GLY B 167 19.67 0.92 -9.56
C GLY B 167 19.40 1.93 -8.46
N PHE B 168 18.14 2.33 -8.33
CA PHE B 168 17.74 3.31 -7.31
C PHE B 168 17.62 2.66 -5.94
N GLN B 169 18.37 3.19 -4.98
CA GLN B 169 18.50 2.56 -3.65
C GLN B 169 18.00 3.45 -2.51
N GLY B 170 17.27 4.51 -2.86
CA GLY B 170 16.58 5.33 -1.87
C GLY B 170 15.35 4.60 -1.39
N PRO B 171 14.46 5.29 -0.66
CA PRO B 171 13.25 4.63 -0.16
C PRO B 171 12.49 3.89 -1.26
N ASN B 172 12.28 2.58 -1.05
CA ASN B 172 11.50 1.72 -1.94
C ASN B 172 10.14 1.50 -1.28
N HIS B 173 9.12 2.14 -1.84
CA HIS B 173 7.88 2.38 -1.11
C HIS B 173 6.62 2.27 -1.97
N ALA B 174 5.48 2.06 -1.32
CA ALA B 174 4.18 2.17 -1.98
C ALA B 174 3.10 2.53 -0.98
N ALA B 175 2.31 3.54 -1.30
CA ALA B 175 1.08 3.81 -0.59
C ALA B 175 -0.04 3.14 -1.38
N VAL B 176 -0.89 2.38 -0.69
CA VAL B 176 -2.03 1.75 -1.34
C VAL B 176 -3.30 2.14 -0.60
N THR B 177 -4.09 3.00 -1.25
CA THR B 177 -5.27 3.60 -0.64
C THR B 177 -6.44 3.60 -1.63
N ALA B 178 -6.68 2.42 -2.21
CA ALA B 178 -7.76 2.24 -3.19
C ALA B 178 -7.61 3.23 -4.35
N CYS B 179 -8.65 4.01 -4.63
CA CYS B 179 -8.63 4.95 -5.76
C CYS B 179 -7.88 6.26 -5.47
N ALA B 180 -7.29 6.36 -4.28
CA ALA B 180 -6.43 7.50 -3.93
C ALA B 180 -4.94 7.10 -3.99
N THR B 181 -4.68 5.86 -4.39
CA THR B 181 -3.34 5.26 -4.38
C THR B 181 -2.27 6.12 -5.05
N GLY B 182 -2.55 6.57 -6.27
CA GLY B 182 -1.61 7.39 -7.03
C GLY B 182 -1.29 8.71 -6.35
N ALA B 183 -2.28 9.25 -5.65
CA ALA B 183 -2.13 10.52 -4.95
C ALA B 183 -1.28 10.38 -3.69
N HIS B 184 -1.63 9.41 -2.84
CA HIS B 184 -0.89 9.14 -1.61
C HIS B 184 0.56 8.71 -1.89
N SER B 185 0.78 7.96 -2.97
CA SER B 185 2.13 7.55 -3.35
C SER B 185 3.00 8.75 -3.69
N ILE B 186 2.44 9.69 -4.44
CA ILE B 186 3.12 10.95 -4.78
C ILE B 186 3.30 11.82 -3.54
N GLY B 187 2.27 11.91 -2.72
CA GLY B 187 2.31 12.70 -1.50
C GLY B 187 3.30 12.20 -0.47
N ASP B 188 3.32 10.88 -0.26
CA ASP B 188 4.27 10.24 0.65
C ASP B 188 5.71 10.52 0.21
N ALA B 189 5.97 10.34 -1.08
CA ALA B 189 7.28 10.62 -1.66
C ALA B 189 7.72 12.06 -1.43
N THR B 190 6.77 12.98 -1.51
CA THR B 190 7.01 14.40 -1.23
C THR B 190 7.50 14.58 0.20
N ARG B 191 6.81 13.97 1.16
CA ARG B 191 7.19 14.04 2.57
C ARG B 191 8.60 13.51 2.81
N MET B 192 8.96 12.46 2.08
CA MET B 192 10.28 11.85 2.18
C MET B 192 11.38 12.79 1.71
N ILE B 193 11.17 13.46 0.58
CA ILE B 193 12.10 14.47 0.10
C ILE B 193 12.15 15.66 1.07
N GLN B 194 10.98 16.10 1.53
CA GLN B 194 10.89 17.20 2.50
C GLN B 194 11.71 16.92 3.77
N PHE B 195 11.61 15.70 4.27
CA PHE B 195 12.32 15.29 5.49
C PHE B 195 13.81 15.07 5.27
N GLY B 196 14.18 14.61 4.08
CA GLY B 196 15.59 14.36 3.75
C GLY B 196 15.90 12.89 3.54
N ASP B 197 14.85 12.07 3.42
CA ASP B 197 15.00 10.64 3.15
C ASP B 197 15.56 10.38 1.75
N ALA B 198 15.28 11.32 0.84
CA ALA B 198 15.71 11.22 -0.55
C ALA B 198 15.82 12.61 -1.17
N ASP B 199 16.55 12.71 -2.27
CA ASP B 199 16.63 13.95 -3.03
C ASP B 199 15.76 13.87 -4.29
N VAL B 200 15.54 12.64 -4.76
CA VAL B 200 14.71 12.38 -5.93
C VAL B 200 13.79 11.20 -5.64
N MET B 201 12.53 11.31 -6.07
CA MET B 201 11.57 10.22 -5.95
C MET B 201 10.81 10.02 -7.26
N VAL B 202 10.79 8.78 -7.72
CA VAL B 202 9.97 8.37 -8.87
C VAL B 202 8.65 7.89 -8.28
N ALA B 203 7.59 8.68 -8.43
CA ALA B 203 6.33 8.41 -7.74
C ALA B 203 5.09 8.43 -8.65
N GLY B 204 4.07 7.66 -8.27
CA GLY B 204 2.83 7.63 -9.01
C GLY B 204 1.96 6.43 -8.68
N GLY B 205 1.17 6.01 -9.66
CA GLY B 205 0.26 4.90 -9.48
C GLY B 205 0.13 4.11 -10.76
N THR B 206 -0.36 2.88 -10.63
CA THR B 206 -0.55 2.00 -11.78
C THR B 206 -1.71 1.05 -11.50
N GLU B 207 -2.40 0.66 -12.57
CA GLU B 207 -3.47 -0.31 -12.47
C GLU B 207 -3.74 -1.01 -13.80
N SER B 208 -3.98 -2.31 -13.73
CA SER B 208 -4.48 -3.05 -14.87
C SER B 208 -5.43 -4.12 -14.34
N SER B 209 -6.67 -3.71 -14.13
CA SER B 209 -7.67 -4.58 -13.54
C SER B 209 -8.93 -4.65 -14.40
N ILE B 210 -8.75 -4.75 -15.72
CA ILE B 210 -9.87 -5.03 -16.61
C ILE B 210 -9.85 -6.53 -16.92
N ASP B 211 -10.63 -7.27 -16.16
CA ASP B 211 -10.75 -8.71 -16.30
C ASP B 211 -12.08 -9.18 -15.73
N ALA B 212 -12.39 -10.45 -15.97
CA ALA B 212 -13.68 -11.05 -15.59
C ALA B 212 -14.11 -10.69 -14.17
N LEU B 213 -13.30 -11.04 -13.18
CA LEU B 213 -13.67 -10.90 -11.78
C LEU B 213 -13.72 -9.45 -11.29
N SER B 214 -12.83 -8.62 -11.82
CA SER B 214 -12.80 -7.20 -11.46
C SER B 214 -14.09 -6.52 -11.92
N VAL B 215 -14.46 -6.76 -13.17
CA VAL B 215 -15.70 -6.20 -13.74
C VAL B 215 -16.92 -6.78 -13.04
N ALA B 216 -16.94 -8.09 -12.81
CA ALA B 216 -18.04 -8.75 -12.09
C ALA B 216 -18.20 -8.21 -10.66
N GLY B 217 -17.06 -8.05 -9.97
CA GLY B 217 -17.05 -7.57 -8.59
C GLY B 217 -17.57 -6.15 -8.47
N PHE B 218 -17.06 -5.25 -9.32
CA PHE B 218 -17.53 -3.86 -9.34
C PHE B 218 -18.97 -3.71 -9.83
N SER B 219 -19.37 -4.54 -10.80
CA SER B 219 -20.75 -4.57 -11.27
C SER B 219 -21.73 -5.00 -10.17
N ARG B 220 -21.34 -6.00 -9.38
CA ARG B 220 -22.18 -6.52 -8.31
C ARG B 220 -22.37 -5.50 -7.19
N SER B 221 -21.38 -4.62 -7.01
CA SER B 221 -21.46 -3.52 -6.04
C SER B 221 -22.31 -2.36 -6.54
N ARG B 222 -22.74 -2.44 -7.81
CA ARG B 222 -23.51 -1.40 -8.50
C ARG B 222 -22.68 -0.12 -8.72
N ALA B 223 -21.37 -0.27 -8.81
CA ALA B 223 -20.46 0.85 -8.95
C ALA B 223 -20.24 1.29 -10.40
N LEU B 224 -20.51 0.38 -11.34
CA LEU B 224 -20.18 0.62 -12.75
C LEU B 224 -21.36 1.09 -13.59
N SER B 225 -21.02 1.77 -14.69
CA SER B 225 -21.99 2.24 -15.68
C SER B 225 -22.55 1.06 -16.48
N THR B 226 -23.86 0.99 -16.60
CA THR B 226 -24.55 -0.11 -17.29
C THR B 226 -25.47 0.36 -18.44
N LYS B 227 -26.05 1.55 -18.26
CA LYS B 227 -27.06 2.10 -19.19
C LYS B 227 -26.55 2.44 -20.58
N PHE B 228 -25.24 2.64 -20.71
CA PHE B 228 -24.66 3.12 -21.96
C PHE B 228 -23.79 2.08 -22.67
N ASN B 229 -24.14 0.80 -22.51
CA ASN B 229 -23.39 -0.28 -23.15
C ASN B 229 -23.41 -0.24 -24.67
N SER B 230 -24.49 0.30 -25.24
CA SER B 230 -24.63 0.45 -26.69
C SER B 230 -23.88 1.66 -27.26
N SER B 231 -23.59 2.62 -26.40
N SER B 231 -23.60 2.64 -26.42
CA SER B 231 -22.85 3.84 -26.76
CA SER B 231 -22.82 3.81 -26.82
C SER B 231 -21.70 4.07 -25.76
C SER B 231 -21.70 4.06 -25.80
N PRO B 232 -20.59 3.30 -25.90
CA PRO B 232 -19.47 3.34 -24.92
C PRO B 232 -18.84 4.71 -24.68
N GLN B 233 -18.62 5.48 -25.75
CA GLN B 233 -18.00 6.80 -25.64
C GLN B 233 -18.84 7.81 -24.84
N GLU B 234 -20.09 7.43 -24.53
CA GLU B 234 -21.01 8.27 -23.77
C GLU B 234 -21.17 7.82 -22.31
N ALA B 235 -20.54 6.69 -21.99
CA ALA B 235 -20.75 6.01 -20.70
C ALA B 235 -20.22 6.75 -19.47
N SER B 236 -19.09 7.45 -19.62
CA SER B 236 -18.50 8.20 -18.51
C SER B 236 -18.84 9.68 -18.64
N ARG B 237 -19.64 10.16 -17.70
CA ARG B 237 -20.20 11.51 -17.77
C ARG B 237 -20.22 12.19 -16.40
N PRO B 238 -19.04 12.61 -15.90
CA PRO B 238 -18.99 13.20 -14.57
C PRO B 238 -19.83 14.47 -14.50
N PHE B 239 -20.58 14.64 -13.42
CA PHE B 239 -21.40 15.83 -13.19
C PHE B 239 -22.72 15.90 -14.00
N ASP B 240 -22.89 14.97 -14.94
CA ASP B 240 -24.10 14.94 -15.78
C ASP B 240 -25.27 14.25 -15.07
N CYS B 241 -26.49 14.74 -15.33
CA CYS B 241 -27.71 14.20 -14.71
C CYS B 241 -28.00 12.73 -15.01
N ASP B 242 -27.43 12.21 -16.09
CA ASP B 242 -27.70 10.83 -16.51
C ASP B 242 -26.57 9.85 -16.20
N ARG B 243 -25.61 10.27 -15.38
CA ARG B 243 -24.51 9.41 -14.92
C ARG B 243 -25.05 8.22 -14.13
N ASP B 244 -24.46 7.04 -14.31
CA ASP B 244 -24.95 5.84 -13.65
C ASP B 244 -23.85 4.91 -13.11
N GLY B 245 -22.68 5.47 -12.82
CA GLY B 245 -21.56 4.70 -12.30
C GLY B 245 -20.30 4.93 -13.12
N PHE B 246 -19.14 4.56 -12.58
CA PHE B 246 -17.89 4.79 -13.30
C PHE B 246 -17.56 3.73 -14.34
N VAL B 247 -16.57 4.03 -15.18
CA VAL B 247 -16.12 3.10 -16.19
C VAL B 247 -14.67 2.71 -15.87
N ILE B 248 -14.44 1.42 -15.64
CA ILE B 248 -13.10 0.92 -15.30
C ILE B 248 -12.12 1.23 -16.42
N GLY B 249 -11.01 1.85 -16.04
CA GLY B 249 -9.90 2.10 -16.96
C GLY B 249 -8.61 1.49 -16.45
N GLU B 250 -7.56 1.57 -17.26
CA GLU B 250 -6.27 1.02 -16.91
C GLU B 250 -5.15 1.98 -17.35
N GLY B 251 -4.00 1.85 -16.71
CA GLY B 251 -2.83 2.64 -17.09
C GLY B 251 -1.95 3.00 -15.91
N SER B 252 -1.04 3.95 -16.14
CA SER B 252 -0.12 4.40 -15.12
C SER B 252 0.25 5.86 -15.32
N GLY B 253 0.47 6.56 -14.21
CA GLY B 253 1.06 7.88 -14.24
C GLY B 253 2.25 7.91 -13.31
N VAL B 254 3.39 8.40 -13.80
CA VAL B 254 4.60 8.49 -13.00
C VAL B 254 5.25 9.86 -13.17
N ILE B 255 5.60 10.48 -12.04
CA ILE B 255 6.32 11.75 -12.04
C ILE B 255 7.65 11.64 -11.31
N VAL B 256 8.59 12.49 -11.69
CA VAL B 256 9.85 12.60 -10.99
C VAL B 256 9.77 13.84 -10.10
N LEU B 257 9.78 13.60 -8.79
CA LEU B 257 9.82 14.66 -7.79
C LEU B 257 11.26 14.88 -7.38
N GLU B 258 11.61 16.14 -7.12
CA GLU B 258 13.00 16.50 -6.84
C GLU B 258 13.05 17.63 -5.83
N GLU B 259 14.04 17.57 -4.94
CA GLU B 259 14.31 18.68 -4.03
C GLU B 259 14.72 19.90 -4.86
N TYR B 260 14.18 21.06 -4.48
CA TYR B 260 14.29 22.29 -5.27
C TYR B 260 15.74 22.70 -5.59
N GLU B 261 16.59 22.74 -4.57
CA GLU B 261 17.99 23.12 -4.77
C GLU B 261 18.73 22.11 -5.64
N HIS B 262 18.44 20.83 -5.41
CA HIS B 262 19.00 19.74 -6.21
C HIS B 262 18.69 19.92 -7.71
N ALA B 263 17.43 20.24 -8.00
CA ALA B 263 16.98 20.51 -9.37
C ALA B 263 17.70 21.68 -10.01
N LYS B 264 17.78 22.80 -9.30
CA LYS B 264 18.44 24.02 -9.78
C LYS B 264 19.94 23.84 -10.03
N ARG B 265 20.61 23.10 -9.16
CA ARG B 265 22.06 22.87 -9.26
C ARG B 265 22.46 22.12 -10.53
N ARG B 266 21.62 21.20 -10.97
CA ARG B 266 21.89 20.42 -12.17
C ARG B 266 21.23 21.01 -13.43
N GLY B 267 20.52 22.12 -13.25
CA GLY B 267 19.88 22.84 -14.37
C GLY B 267 18.68 22.11 -14.95
N ALA B 268 17.95 21.40 -14.10
CA ALA B 268 16.76 20.66 -14.52
C ALA B 268 15.64 21.60 -14.95
N LYS B 269 14.86 21.17 -15.93
CA LYS B 269 13.64 21.86 -16.32
C LYS B 269 12.55 21.55 -15.29
N ILE B 270 11.94 22.60 -14.74
CA ILE B 270 10.97 22.43 -13.66
C ILE B 270 9.54 22.77 -14.13
N TYR B 271 8.65 21.79 -14.02
CA TYR B 271 7.24 21.98 -14.39
C TYR B 271 6.49 22.83 -13.36
N ALA B 272 6.57 22.43 -12.10
CA ALA B 272 5.80 23.03 -11.03
C ALA B 272 6.36 22.60 -9.67
N GLU B 273 5.88 23.26 -8.62
CA GLU B 273 6.18 22.86 -7.25
C GLU B 273 4.97 22.15 -6.66
N LEU B 274 5.19 21.06 -5.93
CA LEU B 274 4.13 20.44 -5.15
C LEU B 274 4.08 21.15 -3.78
N CYS B 275 3.00 21.87 -3.55
CA CYS B 275 2.87 22.79 -2.41
C CYS B 275 2.00 22.30 -1.28
N GLY B 276 1.16 21.31 -1.56
CA GLY B 276 0.20 20.83 -0.57
C GLY B 276 -0.16 19.38 -0.77
N TYR B 277 -0.29 18.66 0.35
CA TYR B 277 -0.67 17.25 0.38
C TYR B 277 -1.66 17.07 1.52
N GLY B 278 -2.94 17.27 1.23
CA GLY B 278 -3.99 17.20 2.24
C GLY B 278 -4.56 15.80 2.33
N MET B 279 -4.70 15.31 3.55
CA MET B 279 -5.18 13.96 3.81
C MET B 279 -6.28 13.97 4.84
N SER B 280 -7.31 13.16 4.63
CA SER B 280 -8.40 13.02 5.58
C SER B 280 -9.09 11.67 5.45
N GLY B 281 -9.97 11.37 6.41
CA GLY B 281 -10.84 10.22 6.34
C GLY B 281 -12.28 10.65 6.53
N ASP B 282 -13.18 10.05 5.75
CA ASP B 282 -14.62 10.30 5.90
C ASP B 282 -15.13 9.73 7.22
N ALA B 283 -14.57 8.59 7.61
CA ALA B 283 -15.04 7.82 8.79
C ALA B 283 -16.57 7.63 8.76
N HIS B 284 -17.07 7.18 7.62
CA HIS B 284 -18.52 7.14 7.39
C HIS B 284 -19.05 5.79 6.88
N HIS B 285 -18.53 5.35 5.74
CA HIS B 285 -19.06 4.18 5.05
C HIS B 285 -17.95 3.59 4.18
N ILE B 286 -17.99 2.28 3.99
CA ILE B 286 -16.93 1.56 3.28
C ILE B 286 -16.78 1.98 1.81
N THR B 287 -17.86 2.46 1.20
CA THR B 287 -17.86 2.80 -0.23
C THR B 287 -18.49 4.18 -0.56
N GLN B 288 -19.41 4.63 0.28
CA GLN B 288 -20.14 5.88 0.05
C GLN B 288 -19.57 7.03 0.88
N PRO B 289 -19.29 8.19 0.24
CA PRO B 289 -18.92 9.39 0.99
C PRO B 289 -20.13 9.98 1.75
N PRO B 290 -19.88 10.78 2.80
CA PRO B 290 -21.00 11.40 3.53
C PRO B 290 -21.66 12.49 2.68
N GLU B 291 -22.93 12.76 2.94
CA GLU B 291 -23.70 13.71 2.14
C GLU B 291 -23.05 15.09 2.06
N ASP B 292 -22.52 15.57 3.19
CA ASP B 292 -21.92 16.92 3.28
C ASP B 292 -20.50 16.99 2.72
N GLY B 293 -19.91 15.83 2.46
CA GLY B 293 -18.55 15.76 1.91
C GLY B 293 -17.48 16.37 2.80
N LYS B 294 -17.65 16.24 4.11
CA LYS B 294 -16.69 16.77 5.09
C LYS B 294 -15.27 16.29 4.83
N GLY B 295 -15.12 15.01 4.52
CA GLY B 295 -13.81 14.42 4.23
C GLY B 295 -13.12 15.14 3.09
N ALA B 296 -13.85 15.34 2.00
CA ALA B 296 -13.35 16.08 0.83
C ALA B 296 -12.98 17.52 1.19
N VAL B 297 -13.83 18.18 1.97
CA VAL B 297 -13.56 19.55 2.44
C VAL B 297 -12.25 19.59 3.22
N LEU B 298 -12.11 18.68 4.18
CA LEU B 298 -10.90 18.58 5.01
C LEU B 298 -9.64 18.38 4.19
N ALA B 299 -9.68 17.46 3.22
CA ALA B 299 -8.53 17.18 2.38
C ALA B 299 -8.10 18.41 1.56
N MET B 300 -9.07 19.09 0.97
CA MET B 300 -8.81 20.31 0.19
C MET B 300 -8.30 21.44 1.07
N THR B 301 -8.97 21.65 2.21
CA THR B 301 -8.57 22.67 3.18
C THR B 301 -7.15 22.44 3.71
N ARG B 302 -6.80 21.18 3.97
CA ARG B 302 -5.48 20.83 4.47
C ARG B 302 -4.37 21.10 3.47
N ALA B 303 -4.58 20.76 2.20
CA ALA B 303 -3.61 21.04 1.13
C ALA B 303 -3.41 22.54 0.94
N LEU B 304 -4.49 23.31 1.12
CA LEU B 304 -4.45 24.77 1.04
C LEU B 304 -3.62 25.39 2.18
N ARG B 305 -3.88 24.93 3.40
CA ARG B 305 -3.17 25.42 4.59
C ARG B 305 -1.67 25.22 4.45
N GLN B 306 -1.27 24.05 3.97
CA GLN B 306 0.13 23.71 3.77
C GLN B 306 0.83 24.61 2.76
N SER B 307 0.09 25.03 1.73
CA SER B 307 0.64 25.83 0.65
C SER B 307 0.75 27.32 1.01
N GLY B 308 0.01 27.72 2.04
CA GLY B 308 -0.08 29.12 2.43
C GLY B 308 -0.99 29.94 1.52
N LEU B 309 -1.73 29.25 0.65
CA LEU B 309 -2.64 29.89 -0.31
C LEU B 309 -4.08 29.86 0.18
N CYS B 310 -4.86 30.86 -0.22
CA CYS B 310 -6.29 30.89 0.08
C CYS B 310 -7.09 30.41 -1.15
N PRO B 311 -8.36 29.99 -0.94
CA PRO B 311 -9.18 29.46 -2.05
C PRO B 311 -9.18 30.34 -3.32
N ASN B 312 -9.29 31.65 -3.16
CA ASN B 312 -9.32 32.58 -4.28
C ASN B 312 -8.08 32.56 -5.18
N GLN B 313 -6.98 31.99 -4.66
CA GLN B 313 -5.73 31.91 -5.39
C GLN B 313 -5.60 30.64 -6.23
N ILE B 314 -6.62 29.78 -6.17
CA ILE B 314 -6.61 28.52 -6.92
C ILE B 314 -7.28 28.69 -8.28
N ASP B 315 -6.54 28.34 -9.34
CA ASP B 315 -6.98 28.58 -10.70
C ASP B 315 -7.75 27.41 -11.29
N TYR B 316 -7.24 26.20 -11.06
CA TYR B 316 -7.84 24.98 -11.61
C TYR B 316 -7.97 23.87 -10.56
N VAL B 317 -9.12 23.19 -10.58
CA VAL B 317 -9.34 22.00 -9.75
C VAL B 317 -9.69 20.81 -10.65
N ASN B 318 -8.88 19.77 -10.60
CA ASN B 318 -9.22 18.52 -11.25
C ASN B 318 -9.98 17.65 -10.25
N ALA B 319 -11.31 17.60 -10.39
CA ALA B 319 -12.16 16.87 -9.46
C ALA B 319 -11.98 15.36 -9.58
N HIS B 320 -12.27 14.65 -8.51
CA HIS B 320 -12.22 13.19 -8.54
C HIS B 320 -13.38 12.61 -9.33
N ALA B 321 -14.51 13.33 -9.31
CA ALA B 321 -15.80 12.88 -9.85
C ALA B 321 -15.73 11.77 -10.90
N THR B 322 -16.25 10.61 -10.52
CA THR B 322 -16.06 9.38 -11.30
C THR B 322 -17.24 9.05 -12.22
N SER B 323 -18.28 9.88 -12.18
CA SER B 323 -19.54 9.67 -12.93
C SER B 323 -20.54 8.82 -12.14
N THR B 324 -20.53 8.98 -10.82
N THR B 324 -20.55 9.03 -10.82
CA THR B 324 -21.47 8.28 -9.95
CA THR B 324 -21.43 8.31 -9.89
C THR B 324 -22.45 9.28 -9.35
C THR B 324 -22.45 9.30 -9.33
N PRO B 325 -23.75 8.92 -9.31
CA PRO B 325 -24.81 9.79 -8.78
C PRO B 325 -24.50 10.50 -7.47
N ILE B 326 -24.22 9.74 -6.41
CA ILE B 326 -23.94 10.33 -5.09
C ILE B 326 -22.56 11.01 -5.04
N GLY B 327 -21.54 10.27 -5.45
CA GLY B 327 -20.16 10.75 -5.37
C GLY B 327 -19.91 12.12 -5.98
N ASP B 328 -20.31 12.28 -7.24
CA ASP B 328 -20.08 13.52 -7.99
C ASP B 328 -20.74 14.72 -7.31
N ALA B 329 -21.97 14.53 -6.85
CA ALA B 329 -22.74 15.59 -6.18
C ALA B 329 -22.12 16.00 -4.85
N VAL B 330 -21.59 15.03 -4.12
CA VAL B 330 -20.95 15.27 -2.83
C VAL B 330 -19.68 16.12 -3.00
N GLU B 331 -18.88 15.78 -4.00
CA GLU B 331 -17.68 16.55 -4.28
C GLU B 331 -18.01 17.97 -4.78
N ALA B 332 -19.08 18.09 -5.57
CA ALA B 332 -19.57 19.38 -6.05
C ALA B 332 -19.92 20.31 -4.89
N ARG B 333 -20.63 19.75 -3.89
CA ARG B 333 -20.96 20.49 -2.66
C ARG B 333 -19.71 20.87 -1.90
N ALA B 334 -18.75 19.95 -1.85
CA ALA B 334 -17.49 20.17 -1.15
C ALA B 334 -16.66 21.28 -1.79
N ILE B 335 -16.61 21.27 -3.13
CA ILE B 335 -15.93 22.33 -3.88
C ILE B 335 -16.57 23.68 -3.60
N LYS B 336 -17.91 23.72 -3.59
CA LYS B 336 -18.64 24.94 -3.29
C LYS B 336 -18.35 25.43 -1.87
N THR B 337 -18.24 24.50 -0.93
CA THR B 337 -17.97 24.82 0.47
C THR B 337 -16.57 25.40 0.69
N VAL B 338 -15.58 24.84 0.00
CA VAL B 338 -14.19 25.30 0.10
C VAL B 338 -13.99 26.65 -0.62
N PHE B 339 -14.57 26.78 -1.81
CA PHE B 339 -14.26 27.92 -2.68
C PHE B 339 -15.31 29.03 -2.73
N SER B 340 -16.48 28.78 -2.13
CA SER B 340 -17.60 29.73 -2.10
C SER B 340 -17.61 30.73 -3.25
N GLU B 341 -17.28 31.98 -2.95
CA GLU B 341 -17.38 33.10 -3.91
C GLU B 341 -16.53 32.91 -5.18
N HIS B 342 -15.43 32.17 -5.05
CA HIS B 342 -14.54 31.89 -6.17
C HIS B 342 -15.16 30.87 -7.12
N ALA B 343 -16.00 29.98 -6.58
CA ALA B 343 -16.72 29.00 -7.37
C ALA B 343 -17.93 29.61 -8.08
N THR B 344 -18.71 30.41 -7.34
CA THR B 344 -19.95 30.98 -7.85
C THR B 344 -19.77 32.17 -8.78
N SER B 345 -18.57 32.76 -8.79
CA SER B 345 -18.24 33.84 -9.73
C SER B 345 -17.96 33.29 -11.13
N GLY B 346 -17.64 31.99 -11.19
CA GLY B 346 -17.32 31.32 -12.44
C GLY B 346 -15.86 31.36 -12.79
N THR B 347 -15.07 32.06 -11.97
CA THR B 347 -13.64 32.23 -12.21
C THR B 347 -12.83 30.97 -11.90
N LEU B 348 -13.22 30.24 -10.86
CA LEU B 348 -12.63 28.93 -10.61
C LEU B 348 -12.95 27.98 -11.77
N ALA B 349 -11.90 27.48 -12.42
CA ALA B 349 -12.05 26.44 -13.43
C ALA B 349 -11.97 25.09 -12.73
N PHE B 350 -12.94 24.22 -13.01
CA PHE B 350 -12.87 22.86 -12.49
C PHE B 350 -13.49 21.85 -13.45
N SER B 351 -12.90 20.67 -13.50
CA SER B 351 -13.37 19.61 -14.38
C SER B 351 -12.97 18.24 -13.85
N SER B 352 -13.69 17.22 -14.29
CA SER B 352 -13.23 15.85 -14.12
C SER B 352 -12.85 15.31 -15.48
N THR B 353 -11.66 14.71 -15.57
CA THR B 353 -11.17 14.17 -16.84
C THR B 353 -11.51 12.68 -17.00
N LYS B 354 -12.26 12.14 -16.05
CA LYS B 354 -12.67 10.73 -16.06
C LYS B 354 -13.70 10.38 -17.13
N GLY B 355 -14.34 11.40 -17.72
CA GLY B 355 -15.17 11.20 -18.90
C GLY B 355 -14.35 10.71 -20.09
N ALA B 356 -13.09 11.16 -20.12
CA ALA B 356 -12.18 10.83 -21.21
C ALA B 356 -11.36 9.56 -20.95
N THR B 357 -10.79 9.46 -19.75
CA THR B 357 -9.86 8.35 -19.41
C THR B 357 -10.57 7.15 -18.79
N GLY B 358 -11.77 7.35 -18.29
CA GLY B 358 -12.39 6.38 -17.40
C GLY B 358 -11.75 6.48 -16.04
N HIS B 359 -12.16 5.59 -15.13
CA HIS B 359 -11.62 5.54 -13.77
C HIS B 359 -10.40 4.63 -13.73
N LEU B 360 -9.21 5.21 -13.64
CA LEU B 360 -7.95 4.44 -13.67
C LEU B 360 -7.59 3.83 -12.31
N LEU B 361 -8.50 3.97 -11.34
CA LEU B 361 -8.37 3.34 -10.03
C LEU B 361 -7.06 3.75 -9.32
N GLY B 362 -6.16 2.80 -9.09
CA GLY B 362 -4.87 3.08 -8.45
C GLY B 362 -3.98 4.07 -9.20
N ALA B 363 -4.16 4.15 -10.51
CA ALA B 363 -3.44 5.10 -11.35
C ALA B 363 -4.13 6.47 -11.45
N ALA B 364 -5.41 6.53 -11.06
CA ALA B 364 -6.22 7.73 -11.23
C ALA B 364 -5.56 8.98 -10.64
N GLY B 365 -5.12 8.88 -9.39
CA GLY B 365 -4.57 10.01 -8.66
C GLY B 365 -3.29 10.56 -9.24
N ALA B 366 -2.53 9.70 -9.93
CA ALA B 366 -1.25 10.07 -10.52
C ALA B 366 -1.41 10.68 -11.91
N VAL B 367 -2.22 10.04 -12.75
CA VAL B 367 -2.54 10.55 -14.08
C VAL B 367 -3.20 11.94 -14.00
N GLU B 368 -4.09 12.11 -13.02
CA GLU B 368 -4.80 13.37 -12.85
C GLU B 368 -3.95 14.46 -12.18
N ALA B 369 -2.95 14.05 -11.40
CA ALA B 369 -1.94 14.99 -10.92
C ALA B 369 -1.12 15.52 -12.10
N ILE B 370 -0.76 14.61 -13.01
CA ILE B 370 -0.05 14.99 -14.25
C ILE B 370 -0.84 16.01 -15.07
N PHE B 371 -2.15 15.77 -15.22
CA PHE B 371 -3.05 16.70 -15.92
C PHE B 371 -3.07 18.08 -15.25
N SER B 372 -3.05 18.09 -13.93
CA SER B 372 -3.01 19.34 -13.16
C SER B 372 -1.70 20.09 -13.36
N ILE B 373 -0.58 19.36 -13.43
CA ILE B 373 0.74 19.93 -13.68
C ILE B 373 0.81 20.47 -15.11
N LEU B 374 0.30 19.71 -16.07
CA LEU B 374 0.26 20.12 -17.48
C LEU B 374 -0.64 21.33 -17.74
N ALA B 375 -1.71 21.46 -16.95
CA ALA B 375 -2.57 22.64 -17.01
C ALA B 375 -1.77 23.90 -16.69
N ILE B 376 -0.95 23.84 -15.65
CA ILE B 376 -0.04 24.92 -15.27
C ILE B 376 1.00 25.16 -16.37
N HIS B 377 1.60 24.07 -16.83
CA HIS B 377 2.68 24.13 -17.81
C HIS B 377 2.25 24.70 -19.17
N HIS B 378 1.05 24.32 -19.62
CA HIS B 378 0.57 24.68 -20.95
C HIS B 378 -0.41 25.86 -20.99
N GLY B 379 -1.01 26.18 -19.84
CA GLY B 379 -2.02 27.23 -19.81
C GLY B 379 -3.31 26.81 -20.49
N VAL B 380 -3.71 25.56 -20.27
CA VAL B 380 -4.96 25.02 -20.81
C VAL B 380 -5.60 24.16 -19.72
N ALA B 381 -6.85 24.46 -19.37
CA ALA B 381 -7.58 23.62 -18.43
C ALA B 381 -8.45 22.61 -19.20
N PRO B 382 -8.28 21.30 -18.90
CA PRO B 382 -9.02 20.25 -19.61
C PRO B 382 -10.52 20.31 -19.31
N MET B 383 -11.31 19.81 -20.26
CA MET B 383 -12.77 19.79 -20.15
C MET B 383 -13.30 18.56 -19.42
N THR B 384 -14.53 18.66 -18.93
CA THR B 384 -15.32 17.49 -18.56
C THR B 384 -16.08 17.03 -19.80
N LEU B 385 -16.03 15.73 -20.07
CA LEU B 385 -16.70 15.17 -21.24
C LEU B 385 -18.11 14.72 -20.87
N ASN B 386 -19.02 14.84 -21.85
CA ASN B 386 -20.40 14.32 -21.76
C ASN B 386 -21.34 14.99 -20.74
N VAL B 387 -21.12 16.28 -20.47
CA VAL B 387 -22.05 17.02 -19.62
C VAL B 387 -23.13 17.65 -20.50
N LYS B 388 -24.15 16.84 -20.80
CA LYS B 388 -25.28 17.30 -21.61
C LYS B 388 -26.27 18.07 -20.73
N ASN B 389 -26.47 17.58 -19.51
CA ASN B 389 -27.35 18.22 -18.55
C ASN B 389 -26.70 18.24 -17.17
N PRO B 390 -26.13 19.40 -16.79
CA PRO B 390 -25.41 19.54 -15.52
C PRO B 390 -26.30 19.28 -14.30
N ASP B 391 -25.71 18.64 -13.29
CA ASP B 391 -26.38 18.36 -12.02
C ASP B 391 -27.01 19.64 -11.44
N PRO B 392 -28.25 19.53 -10.92
CA PRO B 392 -28.98 20.68 -10.35
C PRO B 392 -28.20 21.53 -9.34
N ILE B 393 -27.19 20.94 -8.70
CA ILE B 393 -26.31 21.66 -7.77
C ILE B 393 -25.64 22.85 -8.46
N PHE B 394 -25.26 22.65 -9.72
CA PHE B 394 -24.65 23.69 -10.52
C PHE B 394 -25.68 24.71 -10.99
N ASP B 395 -25.38 25.97 -10.70
CA ASP B 395 -26.32 27.06 -10.95
C ASP B 395 -25.58 28.27 -11.48
N LYS B 396 -26.14 28.86 -12.55
CA LYS B 396 -25.63 30.08 -13.17
C LYS B 396 -24.18 29.92 -13.68
N ARG B 397 -23.22 30.43 -12.90
CA ARG B 397 -21.81 30.40 -13.31
C ARG B 397 -20.96 29.39 -12.55
N PHE B 398 -21.53 28.79 -11.51
CA PHE B 398 -20.91 27.65 -10.84
C PHE B 398 -21.15 26.40 -11.70
N MET B 399 -20.20 26.14 -12.60
CA MET B 399 -20.38 25.13 -13.63
C MET B 399 -19.04 24.48 -13.97
N PRO B 400 -19.01 23.14 -14.12
CA PRO B 400 -17.77 22.52 -14.59
C PRO B 400 -17.45 22.94 -16.01
N LEU B 401 -16.17 22.95 -16.37
CA LEU B 401 -15.75 23.23 -17.74
C LEU B 401 -16.25 22.15 -18.68
N THR B 402 -16.80 22.57 -19.82
CA THR B 402 -17.27 21.64 -20.85
C THR B 402 -16.49 21.78 -22.15
N THR B 403 -15.54 22.72 -22.17
CA THR B 403 -14.59 22.86 -23.26
C THR B 403 -13.18 23.07 -22.70
N SER B 404 -12.17 22.74 -23.50
CA SER B 404 -10.78 23.03 -23.13
C SER B 404 -10.56 24.54 -23.12
N LYS B 405 -10.43 25.10 -21.93
CA LYS B 405 -10.29 26.55 -21.77
C LYS B 405 -8.82 26.99 -21.71
N LYS B 406 -8.43 27.80 -22.69
CA LYS B 406 -7.12 28.45 -22.70
C LYS B 406 -7.12 29.58 -21.68
N MET B 407 -6.21 29.50 -20.71
CA MET B 407 -6.17 30.44 -19.58
C MET B 407 -4.85 30.29 -18.84
N LEU B 408 -4.43 31.33 -18.14
CA LEU B 408 -3.27 31.23 -17.26
C LEU B 408 -3.63 30.38 -16.04
N VAL B 409 -2.88 29.31 -15.84
CA VAL B 409 -3.06 28.44 -14.67
C VAL B 409 -1.80 28.51 -13.81
N ARG B 410 -1.89 29.24 -12.70
CA ARG B 410 -0.77 29.42 -11.79
C ARG B 410 -0.76 28.32 -10.74
N THR B 411 -1.95 27.84 -10.39
CA THR B 411 -2.14 26.86 -9.32
C THR B 411 -3.17 25.83 -9.77
N ALA B 412 -2.95 24.57 -9.37
CA ALA B 412 -3.84 23.47 -9.72
C ALA B 412 -3.93 22.44 -8.61
N MET B 413 -5.16 22.10 -8.24
CA MET B 413 -5.43 21.15 -7.18
C MET B 413 -6.13 19.91 -7.75
N SER B 414 -5.71 18.73 -7.27
CA SER B 414 -6.30 17.48 -7.72
C SER B 414 -6.77 16.62 -6.54
N ASN B 415 -8.05 16.25 -6.56
CA ASN B 415 -8.65 15.42 -5.51
C ASN B 415 -8.68 13.94 -5.89
N SER B 416 -8.44 13.05 -4.92
CA SER B 416 -8.55 11.61 -5.13
C SER B 416 -9.17 10.96 -3.90
N PHE B 417 -10.30 10.30 -4.09
CA PHE B 417 -10.99 9.61 -2.99
C PHE B 417 -11.08 8.11 -3.25
N GLY B 418 -10.99 7.32 -2.19
CA GLY B 418 -11.02 5.87 -2.31
C GLY B 418 -11.95 5.20 -1.32
N PHE B 419 -12.24 3.93 -1.58
CA PHE B 419 -13.03 3.11 -0.67
C PHE B 419 -12.38 3.11 0.72
N GLY B 420 -13.20 3.06 1.75
CA GLY B 420 -12.70 3.18 3.13
C GLY B 420 -12.68 4.62 3.60
N GLY B 421 -13.16 5.52 2.75
CA GLY B 421 -13.25 6.93 3.10
C GLY B 421 -11.92 7.65 3.14
N THR B 422 -10.97 7.18 2.34
CA THR B 422 -9.63 7.74 2.29
C THR B 422 -9.52 8.85 1.24
N ASN B 423 -9.14 10.05 1.69
CA ASN B 423 -9.12 11.22 0.82
C ASN B 423 -7.74 11.85 0.72
N ALA B 424 -7.37 12.24 -0.49
CA ALA B 424 -6.13 12.95 -0.74
C ALA B 424 -6.39 14.13 -1.66
N SER B 425 -5.71 15.25 -1.39
CA SER B 425 -5.76 16.40 -2.28
C SER B 425 -4.35 16.91 -2.51
N LEU B 426 -3.95 16.99 -3.78
CA LEU B 426 -2.63 17.46 -4.14
C LEU B 426 -2.71 18.84 -4.76
N LEU B 427 -1.83 19.74 -4.33
CA LEU B 427 -1.84 21.12 -4.80
C LEU B 427 -0.50 21.51 -5.41
N PHE B 428 -0.54 21.88 -6.68
CA PHE B 428 0.64 22.27 -7.43
C PHE B 428 0.60 23.76 -7.74
N ALA B 429 1.77 24.37 -7.90
CA ALA B 429 1.86 25.77 -8.29
C ALA B 429 3.09 26.00 -9.17
N SER B 430 3.02 27.05 -10.00
CA SER B 430 4.18 27.46 -10.81
C SER B 430 5.29 27.99 -9.90
N ILE B 431 6.52 27.92 -10.40
CA ILE B 431 7.71 28.29 -9.62
C ILE B 431 8.82 28.84 -10.50
CA 6NA C . 6.87 -11.84 1.12
C 6NA C . 7.48 -10.77 2.00
O 6NA C . 8.24 -9.94 1.53
CB 6NA C . 5.67 -11.25 0.39
CG 6NA C . 4.41 -11.31 1.25
CD 6NA C . 3.66 -10.00 1.21
C6 6NA C . 3.04 -9.69 2.56
K K D . 12.40 -7.11 12.89
CA 6NA E . -12.49 1.68 -5.96
C 6NA E . -11.76 2.96 -5.64
O 6NA E . -11.81 3.46 -4.53
CB 6NA E . -11.86 0.43 -5.33
CG 6NA E . -10.34 0.45 -5.27
CD 6NA E . -9.69 -0.13 -6.53
C6 6NA E . -8.21 0.17 -6.55
K K F . -8.46 14.29 -9.53
#